data_1FPL
#
_entry.id   1FPL
#
_cell.length_a   61.100
_cell.length_b   166.900
_cell.length_c   80.200
_cell.angle_alpha   90.00
_cell.angle_beta   90.00
_cell.angle_gamma   90.00
#
_symmetry.space_group_name_H-M   'P 21 21 2'
#
loop_
_entity.id
_entity.type
_entity.pdbx_description
1 polymer FRUCTOSE-1,6-BISPHOSPHATASE
2 non-polymer 'THALLIUM (I) ION'
3 non-polymer 'ADENOSINE MONOPHOSPHATE'
4 non-polymer 2,5-anhydro-1,6-di-O-phosphono-D-glucitol
5 water water
#
_entity_poly.entity_id   1
_entity_poly.type   'polypeptide(L)'
_entity_poly.pdbx_seq_one_letter_code
;TDQAAFDTNIVTLTRFVMEQGRKARGTGEMTQLLNSLCTAVKAISTAVRKAGIAHLYGIAGSTNVTGDQVKKLDVLSNDL
VINVLKSSFATCVLVTEEDKNAIIVEPEKRGKYVVCFDPLDGSSNIDCLVSIGTIFGIYRKNSTDEPSEKDALQPGRNLV
AAGYALYGSATMLVLAMVNGVNCFMLDPAIGEFILVDRNVKIKKKGSIYSINEGYAKEFDPAITEYIQRKKFPPDNSAPY
GARYVGSMVADVHRTLVYGGIFMYPANKKSPKGKLRLLYECNPMAYVMEKAGGLATTGKEAVLDIVPTDIHQRAPIILGS
PEDVTELLEIYQKHA
;
_entity_poly.pdbx_strand_id   A,B
#
loop_
_chem_comp.id
_chem_comp.type
_chem_comp.name
_chem_comp.formula
AHG D-saccharide 2,5-anhydro-1,6-di-O-phosphono-D-glucitol 'C6 H14 O11 P2'
AMP non-polymer 'ADENOSINE MONOPHOSPHATE' 'C10 H14 N5 O7 P'
TL non-polymer 'THALLIUM (I) ION' 'Tl 1'
#
# COMPACT_ATOMS: atom_id res chain seq x y z
N ASN A 9 -30.95 -4.17 -7.61
CA ASN A 9 -30.42 -3.18 -8.59
C ASN A 9 -28.96 -2.89 -8.25
N ILE A 10 -28.09 -3.13 -9.22
CA ILE A 10 -26.68 -2.95 -9.06
C ILE A 10 -26.16 -2.51 -10.42
N VAL A 11 -25.20 -1.60 -10.43
CA VAL A 11 -24.64 -1.11 -11.69
C VAL A 11 -23.25 -1.67 -11.89
N THR A 12 -23.01 -2.27 -13.04
CA THR A 12 -21.72 -2.86 -13.36
C THR A 12 -21.02 -1.90 -14.31
N LEU A 13 -19.71 -2.00 -14.45
CA LEU A 13 -19.00 -1.12 -15.38
C LEU A 13 -19.53 -1.35 -16.80
N THR A 14 -19.80 -2.59 -17.17
CA THR A 14 -20.29 -2.91 -18.51
C THR A 14 -21.64 -2.24 -18.79
N ARG A 15 -22.53 -2.24 -17.81
CA ARG A 15 -23.83 -1.61 -17.98
C ARG A 15 -23.61 -0.10 -18.11
N PHE A 16 -22.88 0.46 -17.15
CA PHE A 16 -22.57 1.90 -17.10
C PHE A 16 -22.01 2.46 -18.41
N VAL A 17 -20.95 1.84 -18.90
CA VAL A 17 -20.32 2.28 -20.14
C VAL A 17 -21.33 2.30 -21.28
N MET A 18 -22.12 1.22 -21.39
CA MET A 18 -23.12 1.09 -22.45
C MET A 18 -24.19 2.17 -22.40
N GLU A 19 -24.73 2.43 -21.21
CA GLU A 19 -25.75 3.46 -21.08
C GLU A 19 -25.16 4.83 -21.40
N GLN A 20 -23.91 5.05 -20.99
CA GLN A 20 -23.26 6.32 -21.28
C GLN A 20 -22.96 6.50 -22.76
N GLY A 21 -22.67 5.40 -23.44
CA GLY A 21 -22.39 5.49 -24.87
C GLY A 21 -23.69 5.75 -25.61
N ARG A 22 -24.77 5.21 -25.06
CA ARG A 22 -26.10 5.34 -25.64
C ARG A 22 -26.61 6.78 -25.51
N LYS A 23 -26.49 7.36 -24.32
CA LYS A 23 -26.93 8.73 -24.11
C LYS A 23 -26.17 9.68 -25.03
N ALA A 24 -24.92 9.35 -25.31
CA ALA A 24 -24.06 10.17 -26.17
C ALA A 24 -24.16 9.86 -27.66
N ARG A 25 -25.07 8.98 -28.03
CA ARG A 25 -25.26 8.60 -29.42
C ARG A 25 -23.94 8.28 -30.13
N GLY A 26 -23.10 7.48 -29.51
CA GLY A 26 -21.84 7.15 -30.14
C GLY A 26 -21.97 6.02 -31.15
N THR A 27 -20.96 5.83 -32.00
CA THR A 27 -20.98 4.74 -32.96
C THR A 27 -20.76 3.43 -32.21
N GLY A 28 -20.20 3.52 -31.00
CA GLY A 28 -19.96 2.34 -30.19
C GLY A 28 -18.48 2.00 -30.22
N GLU A 29 -17.70 2.86 -30.87
CA GLU A 29 -16.26 2.65 -30.95
C GLU A 29 -15.57 2.89 -29.60
N MET A 30 -15.99 3.92 -28.88
CA MET A 30 -15.38 4.18 -27.58
C MET A 30 -15.84 3.20 -26.50
N THR A 31 -17.04 2.65 -26.66
CA THR A 31 -17.55 1.67 -25.72
C THR A 31 -16.74 0.39 -25.90
N GLN A 32 -16.41 0.07 -27.14
CA GLN A 32 -15.62 -1.12 -27.40
C GLN A 32 -14.30 -0.94 -26.68
N LEU A 33 -13.78 0.29 -26.74
CA LEU A 33 -12.51 0.67 -26.12
C LEU A 33 -12.52 0.54 -24.60
N LEU A 34 -13.52 1.13 -23.95
CA LEU A 34 -13.62 1.08 -22.50
C LEU A 34 -13.85 -0.34 -22.00
N ASN A 35 -14.49 -1.17 -22.82
CA ASN A 35 -14.74 -2.55 -22.46
C ASN A 35 -13.48 -3.38 -22.58
N SER A 36 -12.62 -3.05 -23.54
CA SER A 36 -11.34 -3.73 -23.70
C SER A 36 -10.41 -3.34 -22.52
N LEU A 37 -10.49 -2.09 -22.09
CA LEU A 37 -9.67 -1.65 -20.95
C LEU A 37 -10.07 -2.41 -19.69
N CYS A 38 -11.37 -2.47 -19.41
CA CYS A 38 -11.87 -3.21 -18.26
C CYS A 38 -11.36 -4.66 -18.25
N THR A 39 -11.31 -5.28 -19.41
CA THR A 39 -10.82 -6.65 -19.52
C THR A 39 -9.33 -6.71 -19.23
N ALA A 40 -8.57 -5.77 -19.76
CA ALA A 40 -7.12 -5.71 -19.53
C ALA A 40 -6.79 -5.55 -18.04
N VAL A 41 -7.55 -4.69 -17.37
CA VAL A 41 -7.35 -4.42 -15.96
C VAL A 41 -7.62 -5.66 -15.10
N LYS A 42 -8.67 -6.43 -15.45
CA LYS A 42 -8.98 -7.66 -14.71
C LYS A 42 -7.87 -8.68 -14.90
N ALA A 43 -7.31 -8.75 -16.09
CA ALA A 43 -6.23 -9.68 -16.36
C ALA A 43 -4.96 -9.27 -15.60
N ILE A 44 -4.66 -7.98 -15.53
CA ILE A 44 -3.47 -7.52 -14.80
C ILE A 44 -3.67 -7.73 -13.29
N SER A 45 -4.86 -7.41 -12.79
CA SER A 45 -5.14 -7.58 -11.38
C SER A 45 -4.83 -9.02 -10.93
N THR A 46 -5.26 -9.98 -11.73
CA THR A 46 -5.06 -11.40 -11.45
C THR A 46 -3.57 -11.78 -11.45
N ALA A 47 -2.80 -11.23 -12.37
CA ALA A 47 -1.38 -11.52 -12.43
C ALA A 47 -0.65 -10.91 -11.22
N VAL A 48 -1.13 -9.75 -10.77
CA VAL A 48 -0.54 -9.03 -9.64
C VAL A 48 -0.76 -9.72 -8.30
N ARG A 49 -1.91 -10.35 -8.13
CA ARG A 49 -2.19 -11.05 -6.88
C ARG A 49 -1.53 -12.44 -6.84
N LYS A 50 -0.75 -12.75 -7.88
CA LYS A 50 0.01 -14.00 -7.98
C LYS A 50 -0.72 -15.32 -8.16
N ALA A 51 -1.90 -15.30 -8.79
CA ALA A 51 -2.63 -16.53 -9.02
C ALA A 51 -1.76 -17.36 -9.96
N GLY A 52 -1.53 -18.64 -9.65
CA GLY A 52 -0.72 -19.48 -10.51
C GLY A 52 0.78 -19.48 -10.25
N ILE A 53 1.20 -18.82 -9.18
CA ILE A 53 2.63 -18.75 -8.79
C ILE A 53 3.25 -20.14 -8.50
N ALA A 54 2.43 -21.05 -7.98
CA ALA A 54 2.88 -22.39 -7.65
C ALA A 54 3.54 -23.07 -8.84
N HIS A 55 2.97 -22.87 -10.03
CA HIS A 55 3.54 -23.46 -11.25
C HIS A 55 4.94 -22.94 -11.50
N LEU A 56 5.13 -21.67 -11.14
CA LEU A 56 6.42 -21.00 -11.31
C LEU A 56 7.43 -21.61 -10.35
N TYR A 57 6.91 -22.19 -9.27
CA TYR A 57 7.76 -22.82 -8.27
C TYR A 57 7.77 -24.35 -8.39
N GLY A 58 7.52 -24.82 -9.63
CA GLY A 58 7.53 -26.23 -9.96
C GLY A 58 6.47 -27.17 -9.41
N ILE A 59 5.23 -26.72 -9.27
CA ILE A 59 4.20 -27.60 -8.75
C ILE A 59 3.90 -28.77 -9.69
N ALA A 60 4.03 -28.53 -10.99
CA ALA A 60 3.78 -29.56 -12.00
C ALA A 60 5.05 -29.75 -12.81
N GLY A 61 6.08 -29.02 -12.44
CA GLY A 61 7.35 -29.06 -13.14
C GLY A 61 7.65 -27.67 -13.68
N LYS A 72 9.53 -8.71 -15.19
CA LYS A 72 8.55 -9.46 -16.03
C LYS A 72 7.10 -8.99 -15.83
N LEU A 73 6.66 -8.81 -14.59
CA LEU A 73 5.28 -8.39 -14.36
C LEU A 73 4.87 -7.09 -15.10
N ASP A 74 5.78 -6.14 -15.22
CA ASP A 74 5.52 -4.89 -15.93
C ASP A 74 5.43 -5.18 -17.41
N VAL A 75 6.24 -6.13 -17.85
CA VAL A 75 6.30 -6.57 -19.23
C VAL A 75 5.00 -7.28 -19.60
N LEU A 76 4.52 -8.14 -18.72
CA LEU A 76 3.28 -8.86 -18.97
C LEU A 76 2.14 -7.85 -19.06
N SER A 77 2.16 -6.88 -18.15
CA SER A 77 1.17 -5.84 -18.12
C SER A 77 1.17 -5.00 -19.40
N ASN A 78 2.36 -4.69 -19.91
CA ASN A 78 2.46 -3.91 -21.12
C ASN A 78 1.81 -4.67 -22.26
N ASP A 79 2.20 -5.94 -22.42
CA ASP A 79 1.67 -6.79 -23.47
C ASP A 79 0.16 -6.96 -23.38
N LEU A 80 -0.37 -7.15 -22.18
CA LEU A 80 -1.82 -7.30 -22.02
C LEU A 80 -2.56 -6.06 -22.53
N VAL A 81 -2.20 -4.89 -21.99
CA VAL A 81 -2.84 -3.63 -22.41
C VAL A 81 -2.68 -3.39 -23.91
N ILE A 82 -1.46 -3.48 -24.41
CA ILE A 82 -1.22 -3.27 -25.83
C ILE A 82 -2.05 -4.20 -26.75
N ASN A 83 -2.12 -5.48 -26.40
CA ASN A 83 -2.89 -6.42 -27.20
C ASN A 83 -4.38 -6.32 -27.06
N VAL A 84 -4.84 -6.13 -25.84
CA VAL A 84 -6.25 -6.01 -25.60
C VAL A 84 -6.75 -4.71 -26.25
N LEU A 85 -5.90 -3.68 -26.25
CA LEU A 85 -6.29 -2.43 -26.87
C LEU A 85 -6.33 -2.51 -28.39
N LYS A 86 -5.30 -3.10 -28.99
CA LYS A 86 -5.27 -3.25 -30.44
C LYS A 86 -6.47 -4.03 -30.93
N SER A 87 -6.80 -5.10 -30.22
CA SER A 87 -7.94 -5.93 -30.58
C SER A 87 -9.30 -5.24 -30.38
N SER A 88 -9.30 -3.96 -30.00
CA SER A 88 -10.57 -3.27 -29.82
C SER A 88 -11.00 -2.64 -31.15
N PHE A 89 -10.03 -2.46 -32.05
CA PHE A 89 -10.26 -1.86 -33.35
C PHE A 89 -10.72 -0.41 -33.15
N ALA A 90 -10.31 0.19 -32.04
CA ALA A 90 -10.72 1.56 -31.72
C ALA A 90 -9.58 2.54 -31.54
N THR A 91 -8.36 2.10 -31.75
CA THR A 91 -7.23 2.97 -31.51
C THR A 91 -6.30 3.06 -32.71
N CYS A 92 -5.59 4.18 -32.85
CA CYS A 92 -4.65 4.37 -33.95
C CYS A 92 -3.23 4.59 -33.47
N VAL A 93 -3.09 5.09 -32.24
CA VAL A 93 -1.79 5.36 -31.63
C VAL A 93 -1.84 5.07 -30.12
N LEU A 94 -0.82 4.36 -29.63
CA LEU A 94 -0.72 4.00 -28.22
C LEU A 94 0.62 4.47 -27.69
N VAL A 95 0.64 5.14 -26.54
CA VAL A 95 1.90 5.60 -25.94
C VAL A 95 2.04 4.93 -24.58
N THR A 96 3.14 4.23 -24.37
CA THR A 96 3.39 3.53 -23.12
C THR A 96 4.67 3.98 -22.50
N GLU A 97 4.72 3.95 -21.18
CA GLU A 97 5.91 4.31 -20.48
C GLU A 97 7.05 3.34 -20.81
N GLU A 98 6.70 2.08 -21.05
CA GLU A 98 7.69 1.06 -21.36
C GLU A 98 8.21 1.11 -22.78
N ASP A 99 7.59 1.90 -23.63
CA ASP A 99 8.02 1.96 -25.02
C ASP A 99 8.63 3.28 -25.44
N LYS A 100 9.85 3.19 -25.97
CA LYS A 100 10.60 4.34 -26.45
C LYS A 100 9.76 5.18 -27.42
N ASN A 101 9.18 4.52 -28.42
CA ASN A 101 8.36 5.18 -29.43
C ASN A 101 6.89 4.86 -29.24
N ALA A 102 6.03 5.65 -29.88
CA ALA A 102 4.60 5.41 -29.81
C ALA A 102 4.26 4.25 -30.74
N ILE A 103 3.26 3.46 -30.35
CA ILE A 103 2.79 2.31 -31.11
C ILE A 103 1.67 2.73 -32.08
N ILE A 104 1.95 2.63 -33.38
CA ILE A 104 0.95 2.99 -34.39
C ILE A 104 0.21 1.71 -34.77
N VAL A 105 -1.12 1.73 -34.63
CA VAL A 105 -1.93 0.56 -34.91
C VAL A 105 -2.02 0.14 -36.38
N GLU A 106 -2.03 -1.17 -36.59
CA GLU A 106 -2.11 -1.78 -37.91
C GLU A 106 -3.38 -1.22 -38.52
N PRO A 107 -3.32 -0.79 -39.79
CA PRO A 107 -4.50 -0.24 -40.45
C PRO A 107 -5.74 -1.12 -40.40
N GLU A 108 -5.54 -2.42 -40.17
CA GLU A 108 -6.66 -3.36 -40.09
C GLU A 108 -7.48 -3.11 -38.83
N LYS A 109 -6.79 -2.85 -37.71
CA LYS A 109 -7.44 -2.64 -36.44
C LYS A 109 -7.49 -1.18 -36.01
N ARG A 110 -7.29 -0.28 -36.96
CA ARG A 110 -7.26 1.15 -36.65
C ARG A 110 -8.60 1.84 -36.35
N GLY A 111 -8.65 2.51 -35.21
CA GLY A 111 -9.84 3.25 -34.82
C GLY A 111 -9.45 4.71 -34.79
N LYS A 112 -10.19 5.54 -34.07
CA LYS A 112 -9.88 6.96 -34.03
C LYS A 112 -9.31 7.46 -32.71
N TYR A 113 -9.06 6.58 -31.76
CA TYR A 113 -8.55 7.02 -30.47
C TYR A 113 -7.08 6.81 -30.20
N VAL A 114 -6.52 7.73 -29.42
CA VAL A 114 -5.11 7.73 -29.01
C VAL A 114 -5.11 7.45 -27.50
N VAL A 115 -4.45 6.38 -27.07
CA VAL A 115 -4.41 6.03 -25.64
C VAL A 115 -3.01 6.05 -25.06
N CYS A 116 -2.85 6.84 -24.00
CA CYS A 116 -1.58 6.98 -23.30
C CYS A 116 -1.76 6.28 -21.97
N PHE A 117 -0.81 5.43 -21.61
CA PHE A 117 -0.93 4.70 -20.35
C PHE A 117 0.38 4.26 -19.73
N ASP A 118 0.27 3.95 -18.45
CA ASP A 118 1.38 3.42 -17.66
C ASP A 118 0.75 2.11 -17.18
N PRO A 119 1.16 0.98 -17.80
CA PRO A 119 0.65 -0.35 -17.47
C PRO A 119 0.74 -0.74 -16.00
N LEU A 120 1.89 -0.53 -15.39
CA LEU A 120 2.08 -0.87 -13.98
C LEU A 120 2.98 0.18 -13.34
N ASP A 121 2.35 1.16 -12.71
CA ASP A 121 3.09 2.22 -12.03
C ASP A 121 3.49 1.79 -10.62
N GLY A 122 4.72 2.14 -10.23
CA GLY A 122 5.22 1.78 -8.92
C GLY A 122 5.92 0.44 -8.99
N SER A 123 6.46 0.14 -10.16
CA SER A 123 7.16 -1.12 -10.42
C SER A 123 8.29 -1.39 -9.44
N SER A 124 8.84 -0.34 -8.85
CA SER A 124 9.91 -0.48 -7.87
C SER A 124 9.36 -1.12 -6.59
N ASN A 125 8.11 -0.79 -6.28
CA ASN A 125 7.45 -1.31 -5.08
C ASN A 125 6.96 -2.75 -5.20
N ILE A 126 7.01 -3.32 -6.40
CA ILE A 126 6.56 -4.69 -6.61
C ILE A 126 7.12 -5.66 -5.58
N ASP A 127 8.44 -5.72 -5.48
CA ASP A 127 9.11 -6.64 -4.55
C ASP A 127 8.70 -6.53 -3.08
N CYS A 128 8.27 -5.34 -2.67
CA CYS A 128 7.88 -5.08 -1.29
C CYS A 128 6.36 -5.22 -1.09
N LEU A 129 5.68 -5.65 -2.16
CA LEU A 129 4.22 -5.87 -2.18
C LEU A 129 3.36 -4.65 -1.90
N VAL A 130 3.88 -3.47 -2.18
CA VAL A 130 3.14 -2.24 -1.95
C VAL A 130 2.14 -2.06 -3.10
N SER A 131 1.01 -1.41 -2.83
CA SER A 131 -0.02 -1.15 -3.83
C SER A 131 0.56 -0.55 -5.09
N ILE A 132 0.15 -1.06 -6.24
CA ILE A 132 0.60 -0.56 -7.52
C ILE A 132 -0.62 -0.27 -8.38
N GLY A 133 -0.45 0.27 -9.58
CA GLY A 133 -1.62 0.56 -10.39
C GLY A 133 -1.37 0.81 -11.86
N THR A 134 -2.45 1.05 -12.59
CA THR A 134 -2.38 1.31 -14.03
C THR A 134 -2.98 2.69 -14.25
N ILE A 135 -2.38 3.48 -15.15
CA ILE A 135 -2.86 4.84 -15.42
C ILE A 135 -3.11 5.01 -16.91
N PHE A 136 -4.26 5.55 -17.27
CA PHE A 136 -4.58 5.73 -18.69
C PHE A 136 -5.31 7.05 -19.01
N GLY A 137 -5.08 7.52 -20.23
CA GLY A 137 -5.69 8.75 -20.74
C GLY A 137 -6.08 8.53 -22.19
N ILE A 138 -7.28 8.93 -22.55
CA ILE A 138 -7.76 8.72 -23.91
C ILE A 138 -8.05 10.01 -24.67
N TYR A 139 -7.43 10.14 -25.85
CA TYR A 139 -7.59 11.30 -26.74
C TYR A 139 -8.29 10.85 -28.03
N ARG A 140 -8.97 11.80 -28.66
CA ARG A 140 -9.65 11.54 -29.92
C ARG A 140 -8.66 12.13 -30.91
N LYS A 141 -8.23 11.35 -31.88
CA LYS A 141 -7.28 11.87 -32.84
C LYS A 141 -7.83 13.10 -33.54
N ASN A 142 -7.06 14.18 -33.50
CA ASN A 142 -7.42 15.42 -34.16
C ASN A 142 -6.43 15.73 -35.30
N SER A 143 -6.94 15.58 -36.52
CA SER A 143 -6.21 15.81 -37.76
C SER A 143 -6.81 14.83 -38.76
N THR A 144 -6.22 14.76 -39.94
CA THR A 144 -6.71 13.88 -41.00
C THR A 144 -5.57 13.34 -41.85
N ASP A 145 -4.60 12.72 -41.19
CA ASP A 145 -3.45 12.17 -41.90
C ASP A 145 -2.89 10.96 -41.18
N GLU A 146 -1.94 10.28 -41.81
CA GLU A 146 -1.31 9.09 -41.22
C GLU A 146 -1.01 9.31 -39.75
N PRO A 147 -1.57 8.44 -38.87
CA PRO A 147 -1.36 8.55 -37.42
C PRO A 147 0.13 8.51 -37.07
N SER A 148 0.51 9.27 -36.04
CA SER A 148 1.89 9.34 -35.59
C SER A 148 1.94 9.86 -34.17
N GLU A 149 3.14 9.87 -33.58
CA GLU A 149 3.36 10.34 -32.22
C GLU A 149 2.71 11.70 -31.98
N LYS A 150 2.76 12.54 -33.01
CA LYS A 150 2.20 13.88 -32.97
C LYS A 150 0.74 13.95 -32.54
N ASP A 151 0.02 12.84 -32.70
CA ASP A 151 -1.39 12.78 -32.31
C ASP A 151 -1.54 12.63 -30.80
N ALA A 152 -0.49 12.10 -30.17
CA ALA A 152 -0.49 11.92 -28.74
C ALA A 152 -0.18 13.25 -28.05
N LEU A 153 0.60 14.10 -28.72
CA LEU A 153 1.02 15.40 -28.17
C LEU A 153 -0.07 16.48 -28.04
N GLN A 154 -1.11 16.19 -27.28
CA GLN A 154 -2.22 17.11 -27.08
C GLN A 154 -2.25 17.53 -25.62
N PRO A 155 -2.60 18.80 -25.33
CA PRO A 155 -2.64 19.21 -23.93
C PRO A 155 -3.69 18.39 -23.21
N GLY A 156 -3.45 18.11 -21.94
CA GLY A 156 -4.37 17.31 -21.17
C GLY A 156 -5.80 17.79 -21.22
N ARG A 157 -5.98 19.07 -21.50
CA ARG A 157 -7.32 19.65 -21.57
C ARG A 157 -8.16 18.96 -22.64
N ASN A 158 -7.49 18.32 -23.60
CA ASN A 158 -8.17 17.63 -24.70
C ASN A 158 -8.56 16.18 -24.41
N LEU A 159 -8.42 15.74 -23.16
CA LEU A 159 -8.77 14.36 -22.81
C LEU A 159 -10.25 14.03 -22.95
N VAL A 160 -10.52 12.89 -23.57
CA VAL A 160 -11.88 12.40 -23.75
C VAL A 160 -12.24 11.68 -22.45
N ALA A 161 -11.32 10.84 -21.97
CA ALA A 161 -11.52 10.08 -20.74
C ALA A 161 -10.17 9.78 -20.11
N ALA A 162 -10.16 9.60 -18.79
CA ALA A 162 -8.93 9.28 -18.09
C ALA A 162 -9.25 8.61 -16.79
N GLY A 163 -8.29 7.90 -16.23
CA GLY A 163 -8.54 7.22 -14.98
C GLY A 163 -7.41 6.31 -14.58
N TYR A 164 -7.68 5.47 -13.58
CA TYR A 164 -6.67 4.54 -13.11
C TYR A 164 -7.27 3.33 -12.42
N ALA A 165 -6.46 2.30 -12.28
CA ALA A 165 -6.85 1.07 -11.60
C ALA A 165 -5.81 0.94 -10.50
N LEU A 166 -6.28 0.73 -9.28
CA LEU A 166 -5.39 0.57 -8.13
C LEU A 166 -5.44 -0.85 -7.61
N TYR A 167 -4.30 -1.54 -7.63
CA TYR A 167 -4.23 -2.91 -7.14
C TYR A 167 -3.68 -2.81 -5.71
N GLY A 168 -4.56 -2.61 -4.75
CA GLY A 168 -4.16 -2.51 -3.36
C GLY A 168 -4.79 -3.62 -2.53
N SER A 169 -5.41 -3.27 -1.41
CA SER A 169 -6.05 -4.28 -0.59
C SER A 169 -7.21 -4.90 -1.38
N ALA A 170 -7.72 -4.12 -2.33
CA ALA A 170 -8.79 -4.51 -3.25
C ALA A 170 -8.47 -3.78 -4.55
N THR A 171 -9.07 -4.20 -5.66
CA THR A 171 -8.80 -3.58 -6.95
C THR A 171 -9.93 -2.62 -7.29
N MET A 172 -9.56 -1.39 -7.61
CA MET A 172 -10.56 -0.40 -7.96
C MET A 172 -10.20 0.36 -9.20
N LEU A 173 -11.23 0.64 -9.99
CA LEU A 173 -11.07 1.40 -11.22
C LEU A 173 -11.77 2.74 -11.00
N VAL A 174 -11.06 3.82 -11.26
CA VAL A 174 -11.65 5.14 -11.12
C VAL A 174 -11.66 5.66 -12.53
N LEU A 175 -12.85 6.03 -13.00
CA LEU A 175 -13.03 6.54 -14.35
C LEU A 175 -13.58 7.96 -14.33
N ALA A 176 -12.92 8.84 -15.07
CA ALA A 176 -13.32 10.22 -15.13
C ALA A 176 -13.61 10.60 -16.57
N MET A 177 -14.78 11.19 -16.79
CA MET A 177 -15.19 11.64 -18.12
C MET A 177 -15.81 13.01 -17.89
N VAL A 178 -16.13 13.71 -18.97
CA VAL A 178 -16.71 15.05 -18.89
C VAL A 178 -17.84 15.17 -17.87
N ASN A 179 -18.61 14.11 -17.70
CA ASN A 179 -19.74 14.06 -16.78
C ASN A 179 -19.37 14.03 -15.30
N GLY A 180 -18.22 13.46 -14.98
CA GLY A 180 -17.79 13.34 -13.60
C GLY A 180 -16.86 12.16 -13.38
N VAL A 181 -16.60 11.89 -12.10
CA VAL A 181 -15.73 10.79 -11.66
C VAL A 181 -16.54 9.73 -10.93
N ASN A 182 -16.37 8.47 -11.32
CA ASN A 182 -17.09 7.34 -10.72
C ASN A 182 -16.10 6.23 -10.37
N CYS A 183 -16.30 5.61 -9.21
CA CYS A 183 -15.41 4.56 -8.72
C CYS A 183 -16.05 3.17 -8.78
N PHE A 184 -15.34 2.22 -9.37
CA PHE A 184 -15.80 0.84 -9.53
C PHE A 184 -14.91 -0.19 -8.79
N MET A 185 -15.52 -0.94 -7.88
CA MET A 185 -14.81 -1.96 -7.12
C MET A 185 -14.87 -3.31 -7.83
N LEU A 186 -13.74 -4.01 -7.94
CA LEU A 186 -13.73 -5.33 -8.59
C LEU A 186 -14.16 -6.45 -7.66
N ASP A 187 -15.25 -7.14 -8.01
CA ASP A 187 -15.69 -8.30 -7.23
C ASP A 187 -14.91 -9.38 -7.95
N PRO A 188 -13.79 -9.81 -7.38
CA PRO A 188 -12.98 -10.84 -8.04
C PRO A 188 -13.68 -12.20 -8.19
N ALA A 189 -14.75 -12.43 -7.43
CA ALA A 189 -15.48 -13.69 -7.51
C ALA A 189 -16.22 -13.83 -8.84
N ILE A 190 -16.79 -12.73 -9.33
CA ILE A 190 -17.49 -12.80 -10.59
C ILE A 190 -16.82 -12.02 -11.71
N GLY A 191 -15.65 -11.45 -11.42
CA GLY A 191 -14.94 -10.69 -12.44
C GLY A 191 -15.79 -9.57 -13.04
N GLU A 192 -16.38 -8.77 -12.17
CA GLU A 192 -17.22 -7.68 -12.61
C GLU A 192 -16.92 -6.44 -11.73
N PHE A 193 -16.86 -5.26 -12.34
CA PHE A 193 -16.63 -4.04 -11.60
C PHE A 193 -17.98 -3.48 -11.16
N ILE A 194 -18.16 -3.25 -9.85
CA ILE A 194 -19.40 -2.72 -9.30
C ILE A 194 -19.23 -1.24 -8.98
N LEU A 195 -20.21 -0.43 -9.38
CA LEU A 195 -20.18 1.00 -9.13
C LEU A 195 -20.47 1.17 -7.64
N VAL A 196 -19.45 1.59 -6.89
CA VAL A 196 -19.59 1.76 -5.45
C VAL A 196 -19.66 3.23 -5.02
N ASP A 197 -19.23 4.13 -5.90
CA ASP A 197 -19.25 5.54 -5.58
C ASP A 197 -19.38 6.36 -6.85
N ARG A 198 -20.46 7.14 -6.93
CA ARG A 198 -20.68 7.93 -8.12
C ARG A 198 -20.58 9.44 -7.94
N ASN A 199 -20.13 10.13 -8.98
CA ASN A 199 -19.96 11.57 -8.95
C ASN A 199 -19.19 12.06 -7.75
N VAL A 200 -18.00 11.51 -7.63
CA VAL A 200 -17.09 11.80 -6.55
C VAL A 200 -16.49 13.20 -6.60
N LYS A 201 -16.57 13.89 -5.46
CA LYS A 201 -16.02 15.23 -5.31
C LYS A 201 -15.01 15.20 -4.16
N ILE A 202 -13.83 15.79 -4.37
CA ILE A 202 -12.81 15.82 -3.33
C ILE A 202 -13.10 16.85 -2.23
N LYS A 203 -12.47 16.65 -1.07
CA LYS A 203 -12.61 17.56 0.07
C LYS A 203 -11.98 18.92 -0.26
N LYS A 204 -12.63 19.99 0.19
CA LYS A 204 -12.13 21.35 -0.02
C LYS A 204 -10.77 21.49 0.65
N LYS A 205 -10.69 21.05 1.91
CA LYS A 205 -9.45 21.13 2.66
C LYS A 205 -9.25 19.83 3.42
N GLY A 206 -8.12 19.17 3.15
CA GLY A 206 -7.80 17.93 3.81
C GLY A 206 -6.89 18.13 5.01
N SER A 207 -6.36 17.04 5.57
CA SER A 207 -5.47 17.10 6.72
C SER A 207 -4.23 16.22 6.59
N ILE A 208 -3.82 15.94 5.36
CA ILE A 208 -2.66 15.11 5.08
C ILE A 208 -1.88 15.68 3.91
N TYR A 209 -0.55 15.70 4.03
CA TYR A 209 0.32 16.17 2.96
C TYR A 209 1.16 14.97 2.55
N SER A 210 1.47 14.85 1.26
CA SER A 210 2.22 13.72 0.79
C SER A 210 3.38 14.18 -0.09
N ILE A 211 4.59 13.84 0.32
CA ILE A 211 5.80 14.24 -0.41
C ILE A 211 6.98 13.46 0.13
N ASN A 212 7.96 13.20 -0.72
CA ASN A 212 9.16 12.49 -0.31
C ASN A 212 10.08 13.52 0.36
N GLU A 213 9.98 13.65 1.68
CA GLU A 213 10.81 14.63 2.37
C GLU A 213 12.31 14.31 2.34
N GLY A 214 12.67 13.16 1.78
CA GLY A 214 14.07 12.81 1.70
C GLY A 214 14.83 13.72 0.75
N TYR A 215 14.09 14.59 0.06
CA TYR A 215 14.71 15.52 -0.87
C TYR A 215 14.71 16.94 -0.31
N ALA A 216 14.43 17.10 0.99
CA ALA A 216 14.38 18.41 1.66
C ALA A 216 15.48 19.37 1.21
N LYS A 217 16.70 18.84 1.17
CA LYS A 217 17.88 19.58 0.75
C LYS A 217 17.72 20.20 -0.64
N GLU A 218 16.86 19.60 -1.47
CA GLU A 218 16.63 20.04 -2.85
C GLU A 218 15.37 20.84 -3.11
N PHE A 219 14.51 21.02 -2.12
CA PHE A 219 13.27 21.74 -2.34
C PHE A 219 13.49 23.22 -2.52
N ASP A 220 12.62 23.85 -3.30
CA ASP A 220 12.68 25.28 -3.51
C ASP A 220 12.10 25.88 -2.23
N PRO A 221 12.34 27.18 -1.99
CA PRO A 221 11.82 27.82 -0.78
C PRO A 221 10.32 27.78 -0.55
N ALA A 222 9.53 27.80 -1.61
CA ALA A 222 8.07 27.77 -1.46
C ALA A 222 7.61 26.44 -0.85
N ILE A 223 8.10 25.34 -1.42
CA ILE A 223 7.79 24.00 -0.96
C ILE A 223 8.27 23.85 0.48
N THR A 224 9.50 24.30 0.72
CA THR A 224 10.11 24.25 2.05
C THR A 224 9.24 24.98 3.07
N GLU A 225 8.69 26.11 2.66
CA GLU A 225 7.85 26.91 3.54
C GLU A 225 6.52 26.26 3.85
N TYR A 226 5.89 25.67 2.83
CA TYR A 226 4.60 25.02 2.98
C TYR A 226 4.72 23.89 4.02
N ILE A 227 5.66 22.99 3.79
CA ILE A 227 5.90 21.85 4.70
C ILE A 227 6.04 22.35 6.14
N GLN A 228 6.86 23.39 6.31
CA GLN A 228 7.09 23.97 7.62
C GLN A 228 5.78 24.44 8.24
N ARG A 229 4.91 25.01 7.41
CA ARG A 229 3.61 25.49 7.88
C ARG A 229 2.72 24.34 8.27
N LYS A 230 2.95 23.18 7.67
CA LYS A 230 2.14 21.99 7.98
C LYS A 230 2.51 21.30 9.30
N LYS A 231 3.80 21.28 9.61
CA LYS A 231 4.28 20.67 10.85
C LYS A 231 4.16 21.65 12.01
N PHE A 232 4.40 22.93 11.74
CA PHE A 232 4.31 23.99 12.76
C PHE A 232 3.34 25.08 12.31
N PRO A 233 2.03 24.90 12.55
CA PRO A 233 0.99 25.85 12.17
C PRO A 233 1.11 27.22 12.83
N PRO A 234 1.38 28.27 12.04
CA PRO A 234 1.54 29.66 12.49
C PRO A 234 0.33 30.19 13.26
N ASP A 235 -0.83 29.62 12.98
CA ASP A 235 -2.07 30.01 13.64
C ASP A 235 -2.36 29.03 14.78
N ASN A 236 -1.38 28.19 15.05
CA ASN A 236 -1.46 27.18 16.10
C ASN A 236 -2.67 26.26 16.00
N SER A 237 -2.89 25.78 14.79
CA SER A 237 -3.96 24.84 14.50
C SER A 237 -3.25 23.49 14.55
N ALA A 238 -4.00 22.41 14.40
CA ALA A 238 -3.40 21.08 14.42
C ALA A 238 -2.57 20.87 13.16
N PRO A 239 -1.39 20.23 13.30
CA PRO A 239 -0.51 19.95 12.17
C PRO A 239 -1.14 18.92 11.23
N TYR A 240 -0.58 18.77 10.04
CA TYR A 240 -1.09 17.80 9.07
C TYR A 240 -0.37 16.50 9.26
N GLY A 241 -1.06 15.38 9.02
CA GLY A 241 -0.44 14.07 9.13
C GLY A 241 0.32 13.82 7.86
N ALA A 242 1.37 13.01 7.92
CA ALA A 242 2.14 12.72 6.72
C ALA A 242 1.89 11.29 6.24
N ARG A 243 1.91 11.09 4.92
CA ARG A 243 1.71 9.79 4.28
C ARG A 243 2.38 9.85 2.94
N TYR A 244 3.23 8.89 2.63
CA TYR A 244 3.87 8.86 1.31
C TYR A 244 4.14 7.40 1.00
N VAL A 245 3.18 6.77 0.34
CA VAL A 245 3.26 5.38 -0.01
C VAL A 245 4.43 5.07 -0.94
N GLY A 246 4.62 5.88 -1.97
CA GLY A 246 5.71 5.59 -2.90
C GLY A 246 5.22 5.14 -4.26
N SER A 247 3.89 5.04 -4.39
CA SER A 247 3.23 4.67 -5.63
C SER A 247 2.20 5.77 -5.86
N MET A 248 2.37 6.52 -6.93
CA MET A 248 1.47 7.63 -7.27
C MET A 248 -0.01 7.29 -7.19
N VAL A 249 -0.42 6.20 -7.81
CA VAL A 249 -1.81 5.78 -7.81
C VAL A 249 -2.37 5.64 -6.40
N ALA A 250 -1.58 5.10 -5.48
CA ALA A 250 -2.00 4.90 -4.09
C ALA A 250 -2.08 6.24 -3.36
N ASP A 251 -1.05 7.06 -3.51
CA ASP A 251 -1.02 8.37 -2.87
C ASP A 251 -2.15 9.25 -3.41
N VAL A 252 -2.25 9.36 -4.74
CA VAL A 252 -3.31 10.16 -5.35
C VAL A 252 -4.71 9.64 -5.01
N HIS A 253 -4.90 8.32 -5.01
CA HIS A 253 -6.20 7.75 -4.68
C HIS A 253 -6.61 8.09 -3.26
N ARG A 254 -5.64 8.09 -2.35
CA ARG A 254 -5.94 8.43 -0.96
C ARG A 254 -6.33 9.91 -0.87
N THR A 255 -5.68 10.74 -1.70
CA THR A 255 -5.96 12.16 -1.73
C THR A 255 -7.39 12.38 -2.19
N LEU A 256 -7.76 11.73 -3.28
CA LEU A 256 -9.12 11.83 -3.84
C LEU A 256 -10.19 11.46 -2.83
N VAL A 257 -9.93 10.39 -2.09
CA VAL A 257 -10.86 9.87 -1.11
C VAL A 257 -10.84 10.52 0.27
N TYR A 258 -9.66 10.82 0.78
CA TYR A 258 -9.56 11.39 2.12
C TYR A 258 -9.25 12.88 2.13
N GLY A 259 -8.88 13.44 0.98
CA GLY A 259 -8.56 14.85 0.90
C GLY A 259 -7.13 15.09 1.34
N GLY A 260 -6.56 16.21 0.93
CA GLY A 260 -5.20 16.51 1.31
C GLY A 260 -4.45 17.00 0.12
N ILE A 261 -3.13 16.84 0.12
CA ILE A 261 -2.33 17.31 -1.00
C ILE A 261 -1.18 16.36 -1.29
N PHE A 262 -0.93 16.12 -2.58
CA PHE A 262 0.15 15.24 -3.03
C PHE A 262 1.08 16.14 -3.81
N MET A 263 2.38 15.94 -3.66
CA MET A 263 3.34 16.77 -4.35
C MET A 263 4.57 16.02 -4.82
N TYR A 264 4.98 16.33 -6.03
CA TYR A 264 6.21 15.79 -6.57
C TYR A 264 6.75 16.91 -7.46
N PRO A 265 7.35 17.94 -6.81
CA PRO A 265 7.94 19.13 -7.44
C PRO A 265 9.33 18.81 -7.95
N ALA A 266 9.83 19.67 -8.81
CA ALA A 266 11.16 19.47 -9.37
C ALA A 266 12.24 19.62 -8.30
N ASN A 267 13.42 19.08 -8.58
CA ASN A 267 14.59 19.14 -7.70
C ASN A 267 15.76 18.53 -8.47
N LYS A 268 16.82 18.10 -7.77
CA LYS A 268 17.96 17.49 -8.47
C LYS A 268 17.46 16.29 -9.26
N LYS A 269 16.36 15.71 -8.79
CA LYS A 269 15.71 14.58 -9.46
C LYS A 269 14.97 15.25 -10.62
N SER A 270 15.75 15.67 -11.63
CA SER A 270 15.21 16.35 -12.80
C SER A 270 14.52 17.66 -12.42
N PRO A 271 14.97 18.75 -13.05
CA PRO A 271 14.41 20.09 -12.81
C PRO A 271 12.99 20.13 -13.40
N LYS A 272 12.61 19.05 -14.06
CA LYS A 272 11.29 18.94 -14.67
C LYS A 272 10.42 17.97 -13.86
N GLY A 273 10.89 17.57 -12.69
CA GLY A 273 10.13 16.64 -11.90
C GLY A 273 10.44 15.24 -12.39
N LYS A 274 9.76 14.25 -11.82
CA LYS A 274 9.99 12.84 -12.18
C LYS A 274 8.83 12.27 -12.96
N LEU A 275 7.63 12.66 -12.56
CA LEU A 275 6.44 12.16 -13.18
C LEU A 275 6.27 12.62 -14.63
N ARG A 276 5.78 11.70 -15.46
CA ARG A 276 5.54 11.93 -16.87
C ARG A 276 4.26 12.69 -17.09
N LEU A 277 4.26 13.53 -18.12
CA LEU A 277 3.10 14.36 -18.43
C LEU A 277 1.88 13.66 -19.01
N LEU A 278 2.06 12.97 -20.14
CA LEU A 278 0.97 12.29 -20.86
C LEU A 278 0.21 11.17 -20.16
N TYR A 279 0.95 10.23 -19.59
CA TYR A 279 0.36 9.07 -18.94
C TYR A 279 0.36 8.99 -17.41
N GLU A 280 0.68 10.08 -16.75
CA GLU A 280 0.68 10.07 -15.28
C GLU A 280 0.08 11.36 -14.75
N CYS A 281 0.73 12.48 -15.05
CA CYS A 281 0.25 13.77 -14.56
C CYS A 281 -1.11 14.14 -15.12
N ASN A 282 -1.24 14.10 -16.45
CA ASN A 282 -2.51 14.45 -17.08
C ASN A 282 -3.69 13.60 -16.62
N PRO A 283 -3.59 12.26 -16.74
CA PRO A 283 -4.71 11.43 -16.29
C PRO A 283 -5.15 11.77 -14.88
N MET A 284 -4.18 11.97 -13.99
CA MET A 284 -4.47 12.29 -12.58
C MET A 284 -4.97 13.72 -12.33
N ALA A 285 -4.54 14.65 -13.16
CA ALA A 285 -4.96 16.05 -13.07
C ALA A 285 -6.42 16.14 -13.53
N TYR A 286 -6.72 15.41 -14.61
CA TYR A 286 -8.06 15.34 -15.18
C TYR A 286 -9.03 14.75 -14.15
N VAL A 287 -8.63 13.64 -13.54
CA VAL A 287 -9.46 13.01 -12.51
C VAL A 287 -9.67 14.01 -11.38
N MET A 288 -8.59 14.68 -10.99
CA MET A 288 -8.62 15.68 -9.91
C MET A 288 -9.55 16.86 -10.18
N GLU A 289 -9.39 17.48 -11.35
CA GLU A 289 -10.24 18.60 -11.69
C GLU A 289 -11.71 18.21 -11.74
N LYS A 290 -11.99 17.05 -12.32
CA LYS A 290 -13.37 16.57 -12.40
C LYS A 290 -13.93 16.28 -11.03
N ALA A 291 -13.06 16.06 -10.06
CA ALA A 291 -13.50 15.79 -8.70
C ALA A 291 -13.64 17.08 -7.92
N GLY A 292 -13.21 18.19 -8.52
CA GLY A 292 -13.30 19.49 -7.87
C GLY A 292 -12.07 19.93 -7.10
N GLY A 293 -10.89 19.51 -7.55
CA GLY A 293 -9.65 19.89 -6.89
C GLY A 293 -8.76 20.53 -7.92
N LEU A 294 -7.49 20.70 -7.61
CA LEU A 294 -6.59 21.35 -8.55
C LEU A 294 -5.36 20.51 -8.78
N ALA A 295 -4.70 20.78 -9.89
CA ALA A 295 -3.48 20.10 -10.27
C ALA A 295 -2.63 21.16 -10.97
N THR A 296 -1.54 21.55 -10.34
CA THR A 296 -0.68 22.57 -10.87
C THR A 296 0.79 22.18 -10.84
N THR A 297 1.63 22.92 -11.57
CA THR A 297 3.08 22.65 -11.55
C THR A 297 3.68 23.65 -10.56
N GLY A 298 2.83 24.52 -10.02
CA GLY A 298 3.25 25.56 -9.11
C GLY A 298 3.10 26.86 -9.86
N LYS A 299 3.42 26.81 -11.16
CA LYS A 299 3.33 27.97 -12.06
C LYS A 299 2.07 27.95 -12.92
N GLU A 300 1.82 26.81 -13.57
CA GLU A 300 0.67 26.67 -14.46
C GLU A 300 -0.18 25.43 -14.17
N ALA A 301 -1.35 25.36 -14.79
CA ALA A 301 -2.25 24.23 -14.64
C ALA A 301 -1.68 23.12 -15.52
N VAL A 302 -1.51 21.94 -14.93
CA VAL A 302 -0.95 20.78 -15.64
C VAL A 302 -1.67 20.49 -16.96
N LEU A 303 -2.99 20.56 -16.95
CA LEU A 303 -3.77 20.26 -18.15
C LEU A 303 -3.59 21.21 -19.34
N ASP A 304 -2.94 22.34 -19.14
CA ASP A 304 -2.74 23.30 -20.22
C ASP A 304 -1.37 23.26 -20.88
N ILE A 305 -0.49 22.46 -20.34
CA ILE A 305 0.85 22.33 -20.90
C ILE A 305 0.75 21.65 -22.27
N VAL A 306 1.43 22.22 -23.27
CA VAL A 306 1.44 21.64 -24.60
C VAL A 306 2.68 20.76 -24.64
N PRO A 307 2.48 19.42 -24.69
CA PRO A 307 3.62 18.50 -24.71
C PRO A 307 4.51 18.70 -25.92
N THR A 308 5.78 18.37 -25.74
CA THR A 308 6.80 18.51 -26.76
C THR A 308 7.41 17.15 -27.10
N ASP A 309 7.25 16.21 -26.17
CA ASP A 309 7.79 14.88 -26.31
C ASP A 309 6.80 13.96 -25.59
N ILE A 310 6.69 12.71 -26.04
CA ILE A 310 5.77 11.78 -25.39
C ILE A 310 6.21 11.32 -23.98
N HIS A 311 7.51 11.42 -23.69
CA HIS A 311 8.04 11.04 -22.38
C HIS A 311 8.53 12.25 -21.58
N GLN A 312 7.85 13.38 -21.78
CA GLN A 312 8.17 14.64 -21.12
C GLN A 312 7.74 14.55 -19.67
N ARG A 313 8.60 14.99 -18.75
CA ARG A 313 8.27 14.95 -17.34
C ARG A 313 7.67 16.29 -16.96
N ALA A 314 7.05 16.35 -15.80
CA ALA A 314 6.46 17.60 -15.34
C ALA A 314 6.24 17.55 -13.85
N PRO A 315 6.49 18.68 -13.16
CA PRO A 315 6.28 18.74 -11.71
C PRO A 315 4.78 18.74 -11.49
N ILE A 316 4.33 18.29 -10.33
CA ILE A 316 2.91 18.28 -10.07
C ILE A 316 2.60 18.36 -8.60
N ILE A 317 1.57 19.14 -8.29
CA ILE A 317 1.06 19.35 -6.94
C ILE A 317 -0.45 19.19 -7.21
N LEU A 318 -1.13 18.32 -6.47
CA LEU A 318 -2.58 18.12 -6.69
C LEU A 318 -3.31 17.84 -5.39
N GLY A 319 -4.63 17.98 -5.41
CA GLY A 319 -5.40 17.70 -4.22
C GLY A 319 -6.55 18.65 -3.93
N SER A 320 -6.88 18.75 -2.65
CA SER A 320 -7.95 19.62 -2.21
C SER A 320 -7.63 21.05 -2.65
N PRO A 321 -8.65 21.77 -3.16
CA PRO A 321 -8.49 23.14 -3.62
C PRO A 321 -7.84 24.10 -2.59
N GLU A 322 -8.42 24.19 -1.41
CA GLU A 322 -7.87 25.09 -0.39
C GLU A 322 -6.42 24.81 -0.04
N ASP A 323 -5.99 23.55 -0.17
CA ASP A 323 -4.60 23.20 0.13
C ASP A 323 -3.68 23.54 -1.02
N VAL A 324 -4.13 23.29 -2.25
CA VAL A 324 -3.30 23.60 -3.42
C VAL A 324 -3.16 25.12 -3.60
N THR A 325 -4.19 25.88 -3.25
CA THR A 325 -4.16 27.34 -3.38
C THR A 325 -3.20 27.97 -2.37
N GLU A 326 -3.24 27.44 -1.15
CA GLU A 326 -2.37 27.91 -0.07
C GLU A 326 -0.92 27.84 -0.52
N LEU A 327 -0.53 26.74 -1.14
CA LEU A 327 0.85 26.61 -1.63
C LEU A 327 1.08 27.55 -2.79
N LEU A 328 0.09 27.68 -3.67
CA LEU A 328 0.21 28.56 -4.82
C LEU A 328 0.53 29.98 -4.40
N GLU A 329 0.01 30.40 -3.25
CA GLU A 329 0.27 31.73 -2.72
C GLU A 329 1.74 31.84 -2.30
N ILE A 330 2.20 30.88 -1.50
CA ILE A 330 3.58 30.86 -1.05
C ILE A 330 4.48 30.88 -2.28
N TYR A 331 4.02 30.24 -3.35
CA TYR A 331 4.78 30.20 -4.59
C TYR A 331 4.89 31.62 -5.15
N GLN A 332 3.80 32.37 -5.10
CA GLN A 332 3.81 33.73 -5.60
C GLN A 332 4.70 34.62 -4.74
N LYS A 333 4.61 34.47 -3.43
CA LYS A 333 5.41 35.27 -2.51
C LYS A 333 6.90 35.21 -2.89
N HIS A 334 7.38 34.01 -3.24
CA HIS A 334 8.78 33.87 -3.59
C HIS A 334 9.03 34.08 -5.08
N ALA A 335 8.15 34.84 -5.73
CA ALA A 335 8.28 35.10 -7.16
C ALA A 335 8.80 36.52 -7.39
N ASN B 9 12.35 -28.45 -4.56
CA ASN B 9 10.99 -28.56 -5.17
C ASN B 9 10.03 -27.60 -4.47
N ILE B 10 8.75 -27.66 -4.81
CA ILE B 10 7.72 -26.80 -4.25
C ILE B 10 7.46 -27.09 -2.77
N VAL B 11 7.57 -26.07 -1.94
CA VAL B 11 7.32 -26.21 -0.50
C VAL B 11 6.08 -25.39 -0.13
N THR B 12 5.09 -26.02 0.49
CA THR B 12 3.88 -25.31 0.89
C THR B 12 3.96 -25.07 2.39
N LEU B 13 3.22 -24.08 2.88
CA LEU B 13 3.25 -23.81 4.30
C LEU B 13 2.87 -25.08 5.05
N THR B 14 1.81 -25.74 4.62
CA THR B 14 1.34 -26.97 5.27
C THR B 14 2.43 -28.04 5.43
N ARG B 15 3.20 -28.28 4.38
CA ARG B 15 4.28 -29.26 4.41
C ARG B 15 5.39 -28.80 5.34
N PHE B 16 5.80 -27.55 5.17
CA PHE B 16 6.85 -26.93 5.97
C PHE B 16 6.52 -27.03 7.47
N VAL B 17 5.31 -26.62 7.83
CA VAL B 17 4.91 -26.65 9.22
C VAL B 17 4.96 -28.05 9.81
N MET B 18 4.39 -29.03 9.10
CA MET B 18 4.38 -30.42 9.58
C MET B 18 5.81 -30.92 9.74
N GLU B 19 6.61 -30.75 8.71
CA GLU B 19 7.99 -31.18 8.71
C GLU B 19 8.75 -30.59 9.90
N GLN B 20 8.50 -29.32 10.22
CA GLN B 20 9.16 -28.66 11.34
C GLN B 20 8.69 -29.24 12.66
N GLY B 21 7.40 -29.54 12.76
CA GLY B 21 6.88 -30.12 13.98
C GLY B 21 7.44 -31.51 14.23
N ARG B 22 7.72 -32.22 13.14
CA ARG B 22 8.27 -33.57 13.22
C ARG B 22 9.70 -33.49 13.74
N LYS B 23 10.51 -32.65 13.10
CA LYS B 23 11.89 -32.49 13.54
C LYS B 23 11.91 -32.06 15.01
N ALA B 24 10.96 -31.22 15.38
CA ALA B 24 10.88 -30.73 16.75
C ALA B 24 10.35 -31.79 17.70
N ARG B 25 9.67 -32.79 17.16
CA ARG B 25 9.08 -33.86 17.96
C ARG B 25 7.94 -33.35 18.81
N GLY B 26 7.12 -32.45 18.26
CA GLY B 26 6.00 -31.94 19.03
C GLY B 26 4.85 -32.91 18.94
N THR B 27 3.93 -32.85 19.88
CA THR B 27 2.75 -33.71 19.87
C THR B 27 1.77 -33.33 18.73
N GLY B 28 2.16 -32.40 17.86
CA GLY B 28 1.27 -32.01 16.80
C GLY B 28 0.25 -30.98 17.25
N GLU B 29 0.39 -30.49 18.48
CA GLU B 29 -0.54 -29.49 18.97
C GLU B 29 -0.27 -28.13 18.33
N MET B 30 1.01 -27.75 18.25
CA MET B 30 1.36 -26.47 17.64
C MET B 30 1.10 -26.49 16.14
N THR B 31 1.34 -27.63 15.50
CA THR B 31 1.10 -27.75 14.08
C THR B 31 -0.38 -27.46 13.77
N GLN B 32 -1.28 -27.98 14.59
CA GLN B 32 -2.72 -27.74 14.42
C GLN B 32 -3.00 -26.26 14.51
N LEU B 33 -2.34 -25.58 15.45
CA LEU B 33 -2.48 -24.14 15.66
C LEU B 33 -2.04 -23.37 14.43
N LEU B 34 -0.82 -23.64 13.97
CA LEU B 34 -0.31 -22.97 12.80
C LEU B 34 -1.13 -23.29 11.54
N ASN B 35 -1.77 -24.45 11.51
CA ASN B 35 -2.59 -24.82 10.37
C ASN B 35 -3.90 -24.04 10.43
N SER B 36 -4.43 -23.83 11.62
CA SER B 36 -5.66 -23.08 11.82
C SER B 36 -5.45 -21.62 11.44
N LEU B 37 -4.31 -21.09 11.87
CA LEU B 37 -3.93 -19.72 11.59
C LEU B 37 -3.93 -19.53 10.08
N CYS B 38 -3.16 -20.35 9.36
CA CYS B 38 -3.08 -20.29 7.91
C CYS B 38 -4.48 -20.26 7.29
N THR B 39 -5.40 -21.06 7.80
CA THR B 39 -6.76 -21.08 7.26
C THR B 39 -7.44 -19.73 7.52
N ALA B 40 -7.24 -19.17 8.70
CA ALA B 40 -7.85 -17.88 9.04
C ALA B 40 -7.33 -16.74 8.15
N VAL B 41 -6.07 -16.81 7.76
CA VAL B 41 -5.44 -15.81 6.91
C VAL B 41 -5.94 -15.86 5.45
N LYS B 42 -6.30 -17.05 4.96
CA LYS B 42 -6.81 -17.18 3.60
C LYS B 42 -8.22 -16.67 3.56
N ALA B 43 -8.94 -16.85 4.66
CA ALA B 43 -10.31 -16.37 4.75
C ALA B 43 -10.35 -14.84 4.80
N ILE B 44 -9.44 -14.23 5.54
CA ILE B 44 -9.38 -12.77 5.68
C ILE B 44 -8.94 -12.13 4.39
N SER B 45 -7.96 -12.73 3.72
CA SER B 45 -7.45 -12.21 2.46
C SER B 45 -8.58 -12.10 1.44
N THR B 46 -9.45 -13.10 1.41
CA THR B 46 -10.58 -13.17 0.50
C THR B 46 -11.61 -12.10 0.82
N ALA B 47 -11.91 -11.91 2.10
CA ALA B 47 -12.86 -10.88 2.49
C ALA B 47 -12.26 -9.50 2.15
N VAL B 48 -10.97 -9.33 2.43
CA VAL B 48 -10.24 -8.09 2.17
C VAL B 48 -10.27 -7.71 0.69
N ARG B 49 -10.05 -8.69 -0.20
CA ARG B 49 -10.06 -8.47 -1.65
C ARG B 49 -11.46 -8.22 -2.21
N LYS B 50 -12.47 -8.21 -1.36
CA LYS B 50 -13.86 -7.94 -1.75
C LYS B 50 -14.57 -8.98 -2.62
N ALA B 51 -14.24 -10.25 -2.41
CA ALA B 51 -14.89 -11.32 -3.17
C ALA B 51 -16.33 -11.42 -2.67
N GLY B 52 -17.28 -11.31 -3.58
CA GLY B 52 -18.69 -11.41 -3.21
C GLY B 52 -19.33 -10.09 -2.85
N ILE B 53 -18.63 -8.98 -3.07
CA ILE B 53 -19.17 -7.68 -2.73
C ILE B 53 -20.44 -7.35 -3.53
N ALA B 54 -20.54 -7.93 -4.72
CA ALA B 54 -21.70 -7.72 -5.59
C ALA B 54 -23.00 -8.09 -4.89
N HIS B 55 -22.91 -8.86 -3.81
CA HIS B 55 -24.09 -9.25 -3.07
C HIS B 55 -24.58 -8.18 -2.13
N LEU B 56 -23.67 -7.32 -1.68
CA LEU B 56 -24.04 -6.22 -0.81
C LEU B 56 -24.71 -5.20 -1.72
N TYR B 57 -24.25 -5.13 -2.96
CA TYR B 57 -24.78 -4.17 -3.92
C TYR B 57 -26.03 -4.58 -4.72
N GLY B 58 -26.87 -5.37 -4.08
CA GLY B 58 -28.13 -5.80 -4.68
C GLY B 58 -28.21 -6.64 -5.94
N ILE B 59 -27.24 -7.53 -6.15
CA ILE B 59 -27.28 -8.38 -7.33
C ILE B 59 -28.44 -9.37 -7.11
N ALA B 60 -29.03 -9.25 -5.92
CA ALA B 60 -30.18 -9.99 -5.43
C ALA B 60 -30.17 -11.47 -5.18
N GLY B 61 -31.11 -11.86 -4.33
CA GLY B 61 -31.30 -13.23 -3.90
C GLY B 61 -32.37 -13.24 -2.80
N LYS B 72 -17.14 -3.18 9.53
CA LYS B 72 -17.42 -4.65 9.46
C LYS B 72 -16.13 -5.46 9.32
N LEU B 73 -15.41 -5.27 8.23
CA LEU B 73 -14.19 -6.01 7.94
C LEU B 73 -13.23 -6.31 9.11
N ASP B 74 -13.17 -5.46 10.12
CA ASP B 74 -12.27 -5.73 11.24
C ASP B 74 -12.95 -6.66 12.24
N VAL B 75 -14.26 -6.52 12.39
CA VAL B 75 -15.06 -7.36 13.30
C VAL B 75 -15.13 -8.76 12.72
N LEU B 76 -15.32 -8.83 11.41
CA LEU B 76 -15.38 -10.10 10.71
C LEU B 76 -14.05 -10.80 10.88
N SER B 77 -12.95 -10.08 10.67
CA SER B 77 -11.62 -10.65 10.83
C SER B 77 -11.41 -11.18 12.24
N ASN B 78 -11.90 -10.43 13.22
CA ASN B 78 -11.78 -10.84 14.61
C ASN B 78 -12.47 -12.18 14.81
N ASP B 79 -13.72 -12.27 14.38
CA ASP B 79 -14.51 -13.50 14.51
C ASP B 79 -13.82 -14.68 13.85
N LEU B 80 -13.33 -14.47 12.63
CA LEU B 80 -12.63 -15.54 11.92
C LEU B 80 -11.48 -16.05 12.77
N VAL B 81 -10.57 -15.16 13.14
CA VAL B 81 -9.42 -15.57 13.93
C VAL B 81 -9.81 -16.25 15.23
N ILE B 82 -10.69 -15.63 16.01
CA ILE B 82 -11.11 -16.24 17.25
C ILE B 82 -11.66 -17.64 17.02
N ASN B 83 -12.64 -17.77 16.12
CA ASN B 83 -13.27 -19.05 15.84
C ASN B 83 -12.34 -20.12 15.31
N VAL B 84 -11.59 -19.80 14.28
CA VAL B 84 -10.66 -20.75 13.70
C VAL B 84 -9.61 -21.21 14.72
N LEU B 85 -9.24 -20.34 15.65
CA LEU B 85 -8.24 -20.69 16.66
C LEU B 85 -8.83 -21.57 17.77
N LYS B 86 -10.01 -21.21 18.27
CA LYS B 86 -10.64 -22.01 19.32
C LYS B 86 -10.80 -23.46 18.87
N SER B 87 -11.29 -23.64 17.64
CA SER B 87 -11.51 -24.97 17.09
C SER B 87 -10.22 -25.76 16.91
N SER B 88 -9.06 -25.12 16.98
CA SER B 88 -7.81 -25.85 16.82
C SER B 88 -7.52 -26.73 18.04
N PHE B 89 -8.23 -26.46 19.13
CA PHE B 89 -8.06 -27.20 20.40
C PHE B 89 -6.61 -27.07 20.90
N ALA B 90 -5.94 -25.98 20.55
CA ALA B 90 -4.54 -25.76 20.95
C ALA B 90 -4.27 -24.47 21.71
N THR B 91 -5.32 -23.73 22.06
CA THR B 91 -5.16 -22.45 22.76
C THR B 91 -5.98 -22.39 24.04
N CYS B 92 -5.51 -21.63 25.02
CA CYS B 92 -6.24 -21.47 26.28
C CYS B 92 -6.55 -20.00 26.60
N VAL B 93 -5.76 -19.07 26.05
CA VAL B 93 -5.92 -17.62 26.24
C VAL B 93 -5.66 -16.86 24.93
N LEU B 94 -6.56 -15.94 24.61
CA LEU B 94 -6.46 -15.14 23.39
C LEU B 94 -6.57 -13.63 23.69
N VAL B 95 -5.66 -12.85 23.12
CA VAL B 95 -5.67 -11.40 23.31
C VAL B 95 -5.77 -10.74 21.95
N THR B 96 -6.85 -9.99 21.75
CA THR B 96 -7.09 -9.30 20.50
C THR B 96 -7.08 -7.82 20.76
N GLU B 97 -6.69 -7.05 19.75
CA GLU B 97 -6.72 -5.62 19.87
C GLU B 97 -8.19 -5.19 19.98
N GLU B 98 -9.07 -6.00 19.39
CA GLU B 98 -10.51 -5.74 19.35
C GLU B 98 -11.24 -6.04 20.63
N ASP B 99 -10.60 -6.72 21.57
CA ASP B 99 -11.25 -7.10 22.82
C ASP B 99 -10.57 -6.48 24.03
N LYS B 100 -11.37 -5.84 24.88
CA LYS B 100 -10.90 -5.21 26.11
C LYS B 100 -10.25 -6.24 27.03
N ASN B 101 -10.91 -7.37 27.21
CA ASN B 101 -10.39 -8.43 28.07
C ASN B 101 -9.78 -9.58 27.27
N ALA B 102 -8.95 -10.38 27.94
CA ALA B 102 -8.33 -11.53 27.30
C ALA B 102 -9.40 -12.59 27.28
N ILE B 103 -9.50 -13.31 26.16
CA ILE B 103 -10.48 -14.37 26.01
C ILE B 103 -9.92 -15.68 26.53
N ILE B 104 -10.67 -16.33 27.42
CA ILE B 104 -10.26 -17.60 27.99
C ILE B 104 -11.05 -18.71 27.29
N VAL B 105 -10.34 -19.61 26.62
CA VAL B 105 -10.99 -20.69 25.88
C VAL B 105 -11.63 -21.71 26.80
N GLU B 106 -12.74 -22.30 26.33
CA GLU B 106 -13.50 -23.31 27.08
C GLU B 106 -12.58 -24.46 27.44
N PRO B 107 -12.76 -25.05 28.63
CA PRO B 107 -11.96 -26.17 29.13
C PRO B 107 -11.99 -27.31 28.13
N GLU B 108 -13.10 -27.39 27.40
CA GLU B 108 -13.32 -28.42 26.40
C GLU B 108 -12.39 -28.26 25.19
N LYS B 109 -12.10 -27.01 24.80
CA LYS B 109 -11.26 -26.75 23.64
C LYS B 109 -9.88 -26.24 23.96
N ARG B 110 -9.56 -26.14 25.24
CA ARG B 110 -8.26 -25.62 25.68
C ARG B 110 -7.05 -26.38 25.19
N GLY B 111 -5.98 -25.62 25.02
CA GLY B 111 -4.70 -26.17 24.59
C GLY B 111 -3.66 -25.48 25.44
N LYS B 112 -2.39 -25.67 25.14
CA LYS B 112 -1.36 -25.05 25.96
C LYS B 112 -0.87 -23.69 25.45
N TYR B 113 -1.36 -23.24 24.29
CA TYR B 113 -0.89 -21.98 23.74
C TYR B 113 -1.72 -20.71 23.96
N VAL B 114 -1.00 -19.59 24.06
CA VAL B 114 -1.59 -18.26 24.26
C VAL B 114 -1.26 -17.50 23.00
N VAL B 115 -2.27 -16.90 22.37
CA VAL B 115 -2.04 -16.18 21.13
C VAL B 115 -2.48 -14.72 21.24
N CYS B 116 -1.55 -13.83 20.93
CA CYS B 116 -1.80 -12.39 20.96
C CYS B 116 -1.84 -11.93 19.50
N PHE B 117 -2.94 -11.32 19.10
CA PHE B 117 -3.08 -10.89 17.71
C PHE B 117 -3.86 -9.60 17.45
N ASP B 118 -3.58 -9.04 16.28
CA ASP B 118 -4.25 -7.86 15.75
C ASP B 118 -4.82 -8.43 14.45
N PRO B 119 -6.14 -8.70 14.44
CA PRO B 119 -6.85 -9.27 13.28
C PRO B 119 -6.69 -8.52 11.97
N LEU B 120 -6.93 -7.22 12.00
CA LEU B 120 -6.79 -6.40 10.81
C LEU B 120 -6.17 -5.05 11.21
N ASP B 121 -4.87 -4.95 11.00
CA ASP B 121 -4.14 -3.76 11.35
C ASP B 121 -4.10 -2.77 10.20
N GLY B 122 -4.24 -1.49 10.55
CA GLY B 122 -4.23 -0.44 9.54
C GLY B 122 -5.64 -0.18 9.07
N SER B 123 -6.62 -0.49 9.92
CA SER B 123 -8.04 -0.32 9.61
C SER B 123 -8.50 1.10 9.24
N SER B 124 -7.61 2.09 9.38
CA SER B 124 -7.99 3.45 9.01
C SER B 124 -7.80 3.52 7.49
N ASN B 125 -6.82 2.76 6.99
CA ASN B 125 -6.48 2.71 5.56
C ASN B 125 -7.42 1.85 4.72
N ILE B 126 -8.42 1.25 5.34
CA ILE B 126 -9.35 0.39 4.60
C ILE B 126 -10.05 1.15 3.47
N ASP B 127 -10.80 2.19 3.79
CA ASP B 127 -11.51 2.95 2.76
C ASP B 127 -10.62 3.55 1.69
N CYS B 128 -9.32 3.64 1.94
CA CYS B 128 -8.38 4.23 0.97
C CYS B 128 -7.68 3.13 0.18
N LEU B 129 -8.03 1.89 0.50
CA LEU B 129 -7.49 0.68 -0.13
C LEU B 129 -5.98 0.51 -0.02
N VAL B 130 -5.44 0.86 1.13
CA VAL B 130 -4.01 0.73 1.33
C VAL B 130 -3.76 -0.62 1.98
N SER B 131 -2.55 -1.14 1.84
CA SER B 131 -2.15 -2.42 2.43
C SER B 131 -2.43 -2.45 3.91
N ILE B 132 -2.96 -3.57 4.37
CA ILE B 132 -3.28 -3.82 5.78
C ILE B 132 -2.80 -5.23 6.09
N GLY B 133 -2.90 -5.67 7.34
CA GLY B 133 -2.41 -7.01 7.64
C GLY B 133 -2.87 -7.55 8.97
N THR B 134 -2.44 -8.76 9.30
CA THR B 134 -2.80 -9.43 10.55
C THR B 134 -1.48 -9.67 11.27
N ILE B 135 -1.45 -9.46 12.58
CA ILE B 135 -0.20 -9.65 13.34
C ILE B 135 -0.48 -10.66 14.44
N PHE B 136 0.43 -11.61 14.65
CA PHE B 136 0.23 -12.63 15.69
C PHE B 136 1.51 -13.00 16.44
N GLY B 137 1.34 -13.27 17.73
CA GLY B 137 2.43 -13.67 18.60
C GLY B 137 1.93 -14.86 19.38
N ILE B 138 2.76 -15.89 19.51
CA ILE B 138 2.35 -17.10 20.21
C ILE B 138 3.26 -17.44 21.40
N TYR B 139 2.68 -17.55 22.59
CA TYR B 139 3.43 -17.92 23.79
C TYR B 139 2.89 -19.26 24.26
N ARG B 140 3.68 -19.93 25.09
CA ARG B 140 3.30 -21.21 25.66
C ARG B 140 2.94 -20.92 27.10
N LYS B 141 1.80 -21.39 27.56
CA LYS B 141 1.44 -21.16 28.95
C LYS B 141 2.34 -22.03 29.82
N ASN B 142 3.15 -21.42 30.66
CA ASN B 142 4.05 -22.19 31.53
C ASN B 142 3.59 -22.26 32.98
N SER B 143 2.92 -21.21 33.44
CA SER B 143 2.42 -21.18 34.80
C SER B 143 1.15 -21.99 34.79
N THR B 144 1.29 -23.31 34.83
CA THR B 144 0.14 -24.19 34.79
C THR B 144 -0.78 -23.94 36.00
N ASP B 145 -1.75 -23.07 35.75
CA ASP B 145 -2.74 -22.62 36.70
C ASP B 145 -3.95 -22.39 35.79
N GLU B 146 -5.10 -22.06 36.36
CA GLU B 146 -6.27 -21.76 35.53
C GLU B 146 -5.79 -20.63 34.62
N PRO B 147 -5.95 -20.79 33.29
CA PRO B 147 -5.52 -19.74 32.35
C PRO B 147 -6.24 -18.44 32.64
N SER B 148 -5.47 -17.35 32.66
CA SER B 148 -6.02 -16.03 32.91
C SER B 148 -5.20 -15.02 32.13
N GLU B 149 -5.58 -13.76 32.28
CA GLU B 149 -4.91 -12.65 31.61
C GLU B 149 -3.41 -12.68 31.90
N LYS B 150 -3.07 -13.07 33.12
CA LYS B 150 -1.70 -13.13 33.57
C LYS B 150 -0.81 -13.92 32.61
N ASP B 151 -1.37 -14.95 31.98
CA ASP B 151 -0.60 -15.80 31.07
C ASP B 151 -0.08 -15.11 29.83
N ALA B 152 -0.76 -14.07 29.40
CA ALA B 152 -0.37 -13.30 28.21
C ALA B 152 0.74 -12.30 28.52
N LEU B 153 0.82 -11.91 29.78
CA LEU B 153 1.80 -10.91 30.24
C LEU B 153 3.21 -11.46 30.32
N GLN B 154 3.76 -11.82 29.17
CA GLN B 154 5.12 -12.35 29.11
C GLN B 154 5.96 -11.49 28.19
N PRO B 155 7.26 -11.34 28.50
CA PRO B 155 8.08 -10.53 27.61
C PRO B 155 8.17 -11.25 26.26
N GLY B 156 8.37 -10.48 25.20
CA GLY B 156 8.46 -11.04 23.86
C GLY B 156 9.60 -12.01 23.70
N ARG B 157 10.55 -11.95 24.62
CA ARG B 157 11.71 -12.83 24.61
C ARG B 157 11.20 -14.28 24.71
N ASN B 158 10.01 -14.44 25.27
CA ASN B 158 9.37 -15.73 25.48
C ASN B 158 8.47 -16.21 24.33
N LEU B 159 8.57 -15.56 23.17
CA LEU B 159 7.73 -15.95 22.03
C LEU B 159 8.17 -17.27 21.42
N VAL B 160 7.20 -18.14 21.17
CA VAL B 160 7.46 -19.44 20.55
C VAL B 160 7.46 -19.22 19.03
N ALA B 161 6.49 -18.44 18.55
CA ALA B 161 6.39 -18.14 17.14
C ALA B 161 5.68 -16.80 16.97
N ALA B 162 6.01 -16.10 15.89
CA ALA B 162 5.40 -14.81 15.60
C ALA B 162 5.55 -14.53 14.13
N GLY B 163 4.68 -13.67 13.61
CA GLY B 163 4.75 -13.32 12.20
C GLY B 163 3.55 -12.48 11.81
N TYR B 164 3.38 -12.28 10.51
CA TYR B 164 2.26 -11.49 10.03
C TYR B 164 1.82 -11.87 8.63
N ALA B 165 0.62 -11.42 8.27
CA ALA B 165 0.06 -11.61 6.94
C ALA B 165 -0.16 -10.21 6.39
N LEU B 166 0.40 -9.94 5.21
CA LEU B 166 0.26 -8.65 4.56
C LEU B 166 -0.68 -8.75 3.36
N TYR B 167 -1.84 -8.08 3.41
CA TYR B 167 -2.78 -8.08 2.28
C TYR B 167 -2.44 -6.86 1.42
N GLY B 168 -1.39 -6.96 0.61
CA GLY B 168 -0.95 -5.86 -0.22
C GLY B 168 -1.29 -6.06 -1.68
N SER B 169 -0.33 -5.93 -2.57
CA SER B 169 -0.62 -6.16 -3.98
C SER B 169 -0.86 -7.66 -4.17
N ALA B 170 -0.22 -8.45 -3.31
CA ALA B 170 -0.33 -9.91 -3.26
C ALA B 170 -0.34 -10.19 -1.76
N THR B 171 -0.86 -11.34 -1.35
CA THR B 171 -0.88 -11.68 0.07
C THR B 171 0.36 -12.50 0.42
N MET B 172 1.02 -12.12 1.51
CA MET B 172 2.20 -12.85 1.96
C MET B 172 2.12 -13.12 3.46
N LEU B 173 2.65 -14.27 3.88
CA LEU B 173 2.66 -14.65 5.28
C LEU B 173 4.12 -14.81 5.73
N VAL B 174 4.54 -14.00 6.69
CA VAL B 174 5.90 -14.07 7.22
C VAL B 174 5.84 -14.77 8.57
N LEU B 175 6.58 -15.87 8.67
CA LEU B 175 6.62 -16.68 9.87
C LEU B 175 8.03 -16.70 10.43
N ALA B 176 8.13 -16.42 11.73
CA ALA B 176 9.41 -16.41 12.40
C ALA B 176 9.33 -17.33 13.61
N MET B 177 10.38 -18.13 13.76
CA MET B 177 10.51 -19.07 14.88
C MET B 177 12.00 -19.13 15.19
N VAL B 178 12.34 -19.82 16.28
CA VAL B 178 13.73 -19.97 16.73
C VAL B 178 14.77 -20.23 15.64
N ASN B 179 14.40 -21.01 14.64
CA ASN B 179 15.29 -21.36 13.56
C ASN B 179 15.34 -20.39 12.36
N GLY B 180 14.59 -19.29 12.42
CA GLY B 180 14.62 -18.34 11.32
C GLY B 180 13.30 -17.73 10.88
N VAL B 181 13.39 -16.89 9.84
CA VAL B 181 12.22 -16.22 9.27
C VAL B 181 12.03 -16.72 7.84
N ASN B 182 10.81 -17.09 7.49
CA ASN B 182 10.53 -17.58 6.14
C ASN B 182 9.28 -16.89 5.61
N CYS B 183 9.33 -16.51 4.35
CA CYS B 183 8.23 -15.82 3.69
C CYS B 183 7.45 -16.75 2.74
N PHE B 184 6.13 -16.74 2.88
CA PHE B 184 5.23 -17.56 2.06
C PHE B 184 4.22 -16.70 1.29
N MET B 185 4.26 -16.83 -0.03
CA MET B 185 3.34 -16.10 -0.90
C MET B 185 2.07 -16.91 -1.16
N LEU B 186 0.91 -16.28 -1.09
CA LEU B 186 -0.35 -16.99 -1.33
C LEU B 186 -0.71 -17.09 -2.80
N ASP B 187 -0.91 -18.32 -3.28
CA ASP B 187 -1.35 -18.55 -4.65
C ASP B 187 -2.86 -18.70 -4.44
N PRO B 188 -3.64 -17.64 -4.73
CA PRO B 188 -5.08 -17.65 -4.55
C PRO B 188 -5.88 -18.60 -5.45
N ALA B 189 -5.26 -19.03 -6.55
CA ALA B 189 -5.90 -19.99 -7.45
C ALA B 189 -6.12 -21.32 -6.70
N ILE B 190 -5.07 -21.84 -6.06
CA ILE B 190 -5.19 -23.10 -5.34
C ILE B 190 -5.26 -22.98 -3.82
N GLY B 191 -5.32 -21.75 -3.30
CA GLY B 191 -5.37 -21.52 -1.86
C GLY B 191 -4.24 -22.20 -1.13
N GLU B 192 -3.01 -21.98 -1.59
CA GLU B 192 -1.84 -22.60 -1.00
C GLU B 192 -0.76 -21.54 -0.81
N PHE B 193 -0.05 -21.58 0.31
CA PHE B 193 1.05 -20.65 0.56
C PHE B 193 2.34 -21.34 0.12
N ILE B 194 3.11 -20.68 -0.75
CA ILE B 194 4.34 -21.25 -1.28
C ILE B 194 5.57 -20.54 -0.68
N LEU B 195 6.53 -21.31 -0.18
CA LEU B 195 7.75 -20.74 0.40
C LEU B 195 8.52 -20.06 -0.71
N VAL B 196 8.52 -18.73 -0.73
CA VAL B 196 9.23 -18.03 -1.76
C VAL B 196 10.59 -17.55 -1.30
N ASP B 197 10.77 -17.47 0.01
CA ASP B 197 12.03 -17.00 0.59
C ASP B 197 12.34 -17.73 1.89
N ARG B 198 13.52 -18.33 1.93
CA ARG B 198 13.98 -19.10 3.08
C ARG B 198 15.03 -18.35 3.91
N ASN B 199 14.95 -18.48 5.23
CA ASN B 199 15.90 -17.85 6.15
C ASN B 199 16.20 -16.40 5.76
N VAL B 200 15.20 -15.54 5.92
CA VAL B 200 15.34 -14.14 5.55
C VAL B 200 16.19 -13.33 6.53
N LYS B 201 17.14 -12.59 5.98
CA LYS B 201 18.00 -11.73 6.77
C LYS B 201 18.15 -10.34 6.14
N ILE B 202 17.81 -9.33 6.93
CA ILE B 202 17.82 -7.92 6.55
C ILE B 202 19.20 -7.31 6.32
N LYS B 203 19.28 -6.38 5.37
CA LYS B 203 20.54 -5.70 5.05
C LYS B 203 21.07 -5.03 6.31
N LYS B 204 22.39 -4.95 6.43
CA LYS B 204 23.02 -4.32 7.58
C LYS B 204 22.69 -2.83 7.66
N LYS B 205 22.67 -2.18 6.51
CA LYS B 205 22.38 -0.75 6.43
C LYS B 205 21.44 -0.48 5.25
N GLY B 206 20.43 0.35 5.49
CA GLY B 206 19.46 0.69 4.45
C GLY B 206 19.58 2.12 3.95
N SER B 207 18.61 2.56 3.14
CA SER B 207 18.62 3.91 2.60
C SER B 207 17.23 4.53 2.50
N ILE B 208 16.37 4.16 3.45
CA ILE B 208 15.01 4.67 3.52
C ILE B 208 14.66 4.76 5.00
N TYR B 209 14.09 5.88 5.43
CA TYR B 209 13.67 6.03 6.83
C TYR B 209 12.15 6.17 6.77
N SER B 210 11.47 5.68 7.78
CA SER B 210 10.03 5.71 7.77
C SER B 210 9.49 6.18 9.10
N ILE B 211 8.80 7.33 9.09
CA ILE B 211 8.24 7.92 10.30
C ILE B 211 7.23 9.00 9.91
N ASN B 212 6.23 9.23 10.76
CA ASN B 212 5.25 10.27 10.47
C ASN B 212 5.82 11.62 10.89
N GLU B 213 6.46 12.30 9.94
CA GLU B 213 7.05 13.61 10.23
C GLU B 213 6.03 14.70 10.56
N GLY B 214 4.75 14.38 10.51
CA GLY B 214 3.77 15.39 10.84
C GLY B 214 3.76 15.63 12.33
N TYR B 215 4.57 14.87 13.06
CA TYR B 215 4.66 15.02 14.50
C TYR B 215 5.98 15.70 14.86
N ALA B 216 6.62 16.30 13.86
CA ALA B 216 7.89 16.98 14.05
C ALA B 216 7.92 17.92 15.25
N LYS B 217 6.80 18.57 15.51
CA LYS B 217 6.71 19.50 16.62
C LYS B 217 6.82 18.81 18.00
N GLU B 218 6.68 17.49 18.04
CA GLU B 218 6.71 16.77 19.32
C GLU B 218 7.82 15.73 19.47
N PHE B 219 8.76 15.70 18.53
CA PHE B 219 9.85 14.72 18.60
C PHE B 219 10.94 15.11 19.56
N ASP B 220 11.47 14.12 20.28
CA ASP B 220 12.56 14.36 21.20
C ASP B 220 13.77 14.75 20.34
N PRO B 221 14.76 15.43 20.94
CA PRO B 221 15.98 15.88 20.26
C PRO B 221 16.80 14.82 19.57
N ALA B 222 16.70 13.58 20.04
CA ALA B 222 17.45 12.49 19.43
C ALA B 222 16.84 12.15 18.06
N ILE B 223 15.51 12.02 18.04
CA ILE B 223 14.77 11.71 16.79
C ILE B 223 14.97 12.87 15.82
N THR B 224 14.77 14.09 16.33
CA THR B 224 14.92 15.29 15.53
C THR B 224 16.31 15.37 14.88
N GLU B 225 17.34 15.02 15.63
CA GLU B 225 18.68 15.08 15.10
C GLU B 225 18.92 14.00 14.04
N TYR B 226 18.47 12.79 14.35
CA TYR B 226 18.64 11.67 13.41
C TYR B 226 17.96 11.96 12.06
N ILE B 227 16.74 12.49 12.10
CA ILE B 227 15.98 12.81 10.89
C ILE B 227 16.70 13.82 10.01
N GLN B 228 17.13 14.92 10.63
CA GLN B 228 17.83 15.96 9.89
C GLN B 228 19.16 15.45 9.33
N ARG B 229 19.74 14.48 10.02
CA ARG B 229 20.99 13.87 9.57
C ARG B 229 20.73 12.99 8.33
N LYS B 230 19.48 12.55 8.14
CA LYS B 230 19.08 11.70 7.00
C LYS B 230 18.81 12.51 5.74
N LYS B 231 18.30 13.73 5.91
CA LYS B 231 18.00 14.64 4.80
C LYS B 231 19.24 15.44 4.42
N PHE B 232 20.03 15.82 5.43
CA PHE B 232 21.26 16.59 5.22
C PHE B 232 22.42 15.81 5.83
N PRO B 233 22.99 14.86 5.07
CA PRO B 233 24.10 14.07 5.58
C PRO B 233 25.40 14.86 5.76
N PRO B 234 25.99 14.80 6.96
CA PRO B 234 27.24 15.47 7.34
C PRO B 234 28.26 15.38 6.22
N ASP B 235 28.70 14.16 5.90
CA ASP B 235 29.61 13.96 4.79
C ASP B 235 28.59 14.00 3.66
N ASN B 236 28.77 14.87 2.68
CA ASN B 236 27.76 14.94 1.64
C ASN B 236 27.59 13.64 0.86
N SER B 237 26.75 12.78 1.41
CA SER B 237 26.42 11.49 0.81
C SER B 237 24.98 11.63 0.34
N ALA B 238 24.42 10.56 -0.22
CA ALA B 238 23.05 10.61 -0.69
C ALA B 238 22.13 10.53 0.51
N PRO B 239 21.11 11.40 0.57
CA PRO B 239 20.15 11.41 1.67
C PRO B 239 19.29 10.18 1.58
N TYR B 240 18.60 9.84 2.66
CA TYR B 240 17.72 8.67 2.65
C TYR B 240 16.40 9.06 2.01
N GLY B 241 15.73 8.09 1.40
CA GLY B 241 14.44 8.37 0.80
C GLY B 241 13.45 8.17 1.93
N ALA B 242 12.30 8.82 1.85
CA ALA B 242 11.28 8.68 2.89
C ALA B 242 10.10 7.85 2.36
N ARG B 243 9.47 7.09 3.25
CA ARG B 243 8.32 6.25 2.94
C ARG B 243 7.54 6.04 4.21
N TYR B 244 6.25 6.29 4.18
CA TYR B 244 5.40 6.07 5.35
C TYR B 244 3.98 5.79 4.88
N VAL B 245 3.71 4.51 4.62
CA VAL B 245 2.41 4.04 4.18
C VAL B 245 1.33 4.34 5.20
N GLY B 246 1.64 4.19 6.48
CA GLY B 246 0.65 4.42 7.51
C GLY B 246 0.05 3.10 8.00
N SER B 247 0.66 2.00 7.59
CA SER B 247 0.23 0.67 7.98
C SER B 247 1.50 -0.02 8.44
N MET B 248 1.60 -0.30 9.72
CA MET B 248 2.78 -0.97 10.27
C MET B 248 3.24 -2.19 9.49
N VAL B 249 2.33 -3.13 9.23
CA VAL B 249 2.69 -4.37 8.53
C VAL B 249 3.34 -4.06 7.21
N ALA B 250 2.80 -3.07 6.48
CA ALA B 250 3.34 -2.68 5.19
C ALA B 250 4.70 -1.97 5.27
N ASP B 251 4.85 -1.06 6.23
CA ASP B 251 6.11 -0.32 6.41
C ASP B 251 7.23 -1.20 6.92
N VAL B 252 6.89 -2.09 7.84
CA VAL B 252 7.82 -3.05 8.41
C VAL B 252 8.22 -4.13 7.39
N HIS B 253 7.29 -4.53 6.53
CA HIS B 253 7.59 -5.54 5.51
C HIS B 253 8.59 -4.96 4.51
N ARG B 254 8.41 -3.69 4.16
CA ARG B 254 9.32 -2.99 3.25
C ARG B 254 10.71 -2.89 3.92
N THR B 255 10.72 -2.64 5.23
CA THR B 255 11.96 -2.52 5.98
C THR B 255 12.70 -3.86 5.93
N LEU B 256 11.94 -4.93 6.16
CA LEU B 256 12.46 -6.30 6.15
C LEU B 256 13.02 -6.71 4.78
N VAL B 257 12.27 -6.43 3.73
CA VAL B 257 12.66 -6.81 2.39
C VAL B 257 13.75 -5.95 1.75
N TYR B 258 13.69 -4.64 2.00
CA TYR B 258 14.61 -3.67 1.38
C TYR B 258 15.63 -2.96 2.28
N GLY B 259 15.47 -3.06 3.60
CA GLY B 259 16.39 -2.41 4.50
C GLY B 259 15.95 -1.01 4.90
N GLY B 260 16.51 -0.49 5.98
CA GLY B 260 16.15 0.84 6.44
C GLY B 260 15.73 0.84 7.90
N ILE B 261 14.92 1.81 8.28
CA ILE B 261 14.48 1.92 9.67
C ILE B 261 13.05 2.45 9.76
N PHE B 262 12.26 1.90 10.68
CA PHE B 262 10.89 2.30 10.87
C PHE B 262 10.85 2.85 12.28
N MET B 263 10.14 3.95 12.48
CA MET B 263 10.09 4.53 13.81
C MET B 263 8.75 5.07 14.19
N TYR B 264 8.30 4.71 15.38
CA TYR B 264 7.07 5.27 15.91
C TYR B 264 7.41 5.56 17.38
N PRO B 265 8.14 6.66 17.61
CA PRO B 265 8.57 7.11 18.94
C PRO B 265 7.43 7.70 19.77
N ALA B 266 7.71 7.95 21.04
CA ALA B 266 6.71 8.54 21.91
C ALA B 266 6.57 10.01 21.51
N ASN B 267 5.37 10.55 21.64
CA ASN B 267 5.06 11.94 21.34
C ASN B 267 3.95 12.41 22.30
N LYS B 268 3.62 13.70 22.30
CA LYS B 268 2.59 14.22 23.20
C LYS B 268 1.30 13.39 23.17
N LYS B 269 0.81 13.14 21.96
CA LYS B 269 -0.42 12.39 21.73
C LYS B 269 -0.28 10.95 22.22
N SER B 270 0.95 10.45 22.21
CA SER B 270 1.23 9.09 22.63
C SER B 270 2.56 9.08 23.38
N PRO B 271 2.56 9.53 24.65
CA PRO B 271 3.75 9.57 25.51
C PRO B 271 4.46 8.23 25.67
N LYS B 272 3.75 7.15 25.41
CA LYS B 272 4.34 5.83 25.51
C LYS B 272 4.30 5.17 24.13
N GLY B 273 4.09 5.97 23.11
CA GLY B 273 4.00 5.46 21.75
C GLY B 273 2.54 5.10 21.48
N LYS B 274 2.26 4.66 20.26
CA LYS B 274 0.89 4.31 19.86
C LYS B 274 0.71 2.81 19.76
N LEU B 275 1.70 2.17 19.15
CA LEU B 275 1.67 0.74 18.91
C LEU B 275 1.70 -0.09 20.21
N ARG B 276 0.90 -1.16 20.24
CA ARG B 276 0.80 -2.09 21.38
C ARG B 276 1.97 -3.04 21.47
N LEU B 277 2.32 -3.41 22.69
CA LEU B 277 3.45 -4.28 22.94
C LEU B 277 3.26 -5.74 22.54
N LEU B 278 2.23 -6.37 23.12
CA LEU B 278 1.92 -7.79 22.91
C LEU B 278 1.57 -8.24 21.48
N TYR B 279 0.72 -7.50 20.79
CA TYR B 279 0.32 -7.89 19.45
C TYR B 279 0.77 -7.06 18.26
N GLU B 280 1.73 -6.16 18.46
CA GLU B 280 2.23 -5.33 17.36
C GLU B 280 3.73 -5.15 17.44
N CYS B 281 4.21 -4.61 18.56
CA CYS B 281 5.63 -4.39 18.74
C CYS B 281 6.39 -5.69 18.89
N ASN B 282 5.96 -6.54 19.82
CA ASN B 282 6.66 -7.82 20.05
C ASN B 282 6.83 -8.73 18.83
N PRO B 283 5.73 -9.02 18.09
CA PRO B 283 5.87 -9.89 16.92
C PRO B 283 6.80 -9.32 15.87
N MET B 284 6.78 -7.99 15.69
CA MET B 284 7.62 -7.35 14.68
C MET B 284 9.07 -7.26 15.16
N ALA B 285 9.23 -7.16 16.47
CA ALA B 285 10.56 -7.10 17.09
C ALA B 285 11.19 -8.48 16.98
N TYR B 286 10.39 -9.51 17.25
CA TYR B 286 10.82 -10.91 17.16
C TYR B 286 11.24 -11.23 15.72
N VAL B 287 10.41 -10.86 14.74
CA VAL B 287 10.72 -11.10 13.34
C VAL B 287 12.02 -10.37 12.96
N MET B 288 12.15 -9.12 13.40
CA MET B 288 13.35 -8.31 13.14
C MET B 288 14.63 -8.94 13.71
N GLU B 289 14.56 -9.40 14.96
CA GLU B 289 15.73 -10.01 15.58
C GLU B 289 16.16 -11.28 14.87
N LYS B 290 15.20 -12.17 14.54
CA LYS B 290 15.50 -13.42 13.81
C LYS B 290 16.00 -13.13 12.40
N ALA B 291 15.65 -11.97 11.85
CA ALA B 291 16.08 -11.59 10.52
C ALA B 291 17.47 -10.94 10.59
N GLY B 292 17.97 -10.73 11.80
CA GLY B 292 19.28 -10.12 11.97
C GLY B 292 19.27 -8.60 12.13
N GLY B 293 18.15 -8.05 12.58
CA GLY B 293 18.04 -6.61 12.77
C GLY B 293 17.82 -6.26 14.23
N LEU B 294 17.60 -4.98 14.54
CA LEU B 294 17.41 -4.56 15.92
C LEU B 294 16.05 -3.94 16.09
N ALA B 295 15.50 -4.06 17.29
CA ALA B 295 14.19 -3.47 17.61
C ALA B 295 14.27 -2.91 19.02
N THR B 296 14.33 -1.58 19.10
CA THR B 296 14.46 -0.87 20.37
C THR B 296 13.35 0.14 20.68
N THR B 297 13.29 0.50 21.95
CA THR B 297 12.36 1.46 22.51
C THR B 297 13.07 2.84 22.45
N GLY B 298 14.37 2.76 22.24
CA GLY B 298 15.21 3.94 22.21
C GLY B 298 16.09 3.81 23.44
N LYS B 299 15.51 3.28 24.51
CA LYS B 299 16.21 3.07 25.77
C LYS B 299 16.53 1.60 25.99
N GLU B 300 15.60 0.71 25.60
CA GLU B 300 15.79 -0.74 25.78
C GLU B 300 15.16 -1.57 24.67
N ALA B 301 15.55 -2.83 24.61
CA ALA B 301 15.04 -3.78 23.64
C ALA B 301 13.57 -4.09 23.94
N VAL B 302 12.73 -4.03 22.90
CA VAL B 302 11.30 -4.28 23.03
C VAL B 302 10.97 -5.64 23.62
N LEU B 303 11.73 -6.65 23.22
CA LEU B 303 11.49 -8.02 23.66
C LEU B 303 11.74 -8.30 25.14
N ASP B 304 12.52 -7.46 25.80
CA ASP B 304 12.81 -7.68 27.21
C ASP B 304 11.82 -7.06 28.17
N ILE B 305 10.95 -6.21 27.65
CA ILE B 305 9.94 -5.55 28.47
C ILE B 305 8.94 -6.54 29.00
N VAL B 306 8.74 -6.52 30.31
CA VAL B 306 7.77 -7.40 30.92
C VAL B 306 6.51 -6.57 31.06
N PRO B 307 5.48 -6.88 30.27
CA PRO B 307 4.21 -6.14 30.30
C PRO B 307 3.40 -6.23 31.61
N THR B 308 2.52 -5.25 31.79
CA THR B 308 1.67 -5.13 32.96
C THR B 308 0.20 -5.05 32.54
N ASP B 309 -0.01 -4.63 31.31
CA ASP B 309 -1.35 -4.49 30.75
C ASP B 309 -1.28 -5.16 29.40
N ILE B 310 -2.36 -5.87 29.04
CA ILE B 310 -2.40 -6.56 27.76
C ILE B 310 -2.48 -5.57 26.60
N HIS B 311 -3.06 -4.41 26.85
CA HIS B 311 -3.18 -3.37 25.81
C HIS B 311 -2.16 -2.26 26.01
N GLN B 312 -1.06 -2.60 26.67
CA GLN B 312 0.01 -1.68 26.96
C GLN B 312 0.69 -1.21 25.68
N ARG B 313 0.97 0.08 25.59
CA ARG B 313 1.61 0.65 24.42
C ARG B 313 3.12 0.70 24.66
N ALA B 314 3.88 0.83 23.59
CA ALA B 314 5.33 0.91 23.68
C ALA B 314 5.89 1.60 22.44
N PRO B 315 6.95 2.39 22.61
CA PRO B 315 7.62 3.12 21.53
C PRO B 315 8.42 2.08 20.78
N ILE B 316 8.71 2.32 19.50
CA ILE B 316 9.45 1.31 18.78
C ILE B 316 10.22 1.87 17.61
N ILE B 317 11.40 1.31 17.43
CA ILE B 317 12.32 1.67 16.36
C ILE B 317 12.90 0.31 15.97
N LEU B 318 12.89 0.00 14.67
CA LEU B 318 13.40 -1.29 14.22
C LEU B 318 13.91 -1.13 12.82
N GLY B 319 14.69 -2.10 12.35
CA GLY B 319 15.20 -2.01 11.01
C GLY B 319 16.60 -2.52 10.98
N SER B 320 17.35 -2.19 9.94
CA SER B 320 18.73 -2.60 9.80
C SER B 320 19.54 -2.29 11.06
N PRO B 321 20.48 -3.18 11.43
CA PRO B 321 21.29 -2.96 12.63
C PRO B 321 22.11 -1.67 12.59
N GLU B 322 22.79 -1.40 11.49
CA GLU B 322 23.60 -0.18 11.39
C GLU B 322 22.80 1.11 11.54
N ASP B 323 21.56 1.12 11.05
CA ASP B 323 20.73 2.30 11.15
C ASP B 323 20.18 2.47 12.56
N VAL B 324 19.68 1.38 13.14
CA VAL B 324 19.14 1.43 14.50
C VAL B 324 20.22 1.81 15.53
N THR B 325 21.44 1.34 15.33
CA THR B 325 22.55 1.63 16.24
C THR B 325 22.87 3.12 16.25
N GLU B 326 22.98 3.69 15.05
CA GLU B 326 23.27 5.10 14.84
C GLU B 326 22.29 5.98 15.63
N LEU B 327 21.01 5.64 15.59
CA LEU B 327 20.02 6.40 16.34
C LEU B 327 20.17 6.16 17.84
N LEU B 328 20.58 4.94 18.20
CA LEU B 328 20.77 4.61 19.61
C LEU B 328 21.89 5.40 20.24
N GLU B 329 22.89 5.73 19.42
CA GLU B 329 24.04 6.51 19.88
C GLU B 329 23.58 7.95 20.18
N ILE B 330 22.77 8.50 19.28
CA ILE B 330 22.25 9.85 19.44
C ILE B 330 21.37 9.91 20.69
N TYR B 331 20.72 8.81 21.02
CA TYR B 331 19.89 8.76 22.22
C TYR B 331 20.78 8.79 23.45
N GLN B 332 21.92 8.12 23.38
CA GLN B 332 22.89 8.06 24.47
C GLN B 332 23.57 9.42 24.67
N LYS B 333 23.80 10.11 23.57
CA LYS B 333 24.44 11.41 23.57
C LYS B 333 23.60 12.48 24.26
N HIS B 334 22.28 12.37 24.15
CA HIS B 334 21.39 13.35 24.77
C HIS B 334 20.91 12.90 26.13
N ALA B 335 21.74 12.15 26.85
CA ALA B 335 21.35 11.66 28.18
C ALA B 335 22.55 11.49 29.10
TL TL C . 5.67 4.95 -13.70
TL TL D . 6.10 1.44 -15.28
TL TL E . 7.59 7.75 -13.84
P AMP F . -17.76 7.05 -30.75
O1P AMP F . -16.39 7.17 -31.21
O2P AMP F . -18.01 5.74 -30.01
O3P AMP F . -18.60 7.12 -31.96
O5' AMP F . -18.13 8.17 -29.75
C5' AMP F . -17.85 9.56 -30.11
C4' AMP F . -18.06 10.44 -28.88
O4' AMP F . -19.28 10.09 -28.20
C3' AMP F . -16.97 10.16 -27.81
O3' AMP F . -15.79 10.63 -28.10
C2' AMP F . -17.62 10.76 -26.56
O2' AMP F . -17.87 12.04 -26.78
C1' AMP F . -18.91 9.90 -26.81
N9 AMP F . -18.97 8.52 -26.29
C8 AMP F . -18.82 7.38 -27.03
N7 AMP F . -18.91 6.30 -26.19
C5 AMP F . -19.14 6.75 -24.91
C6 AMP F . -19.34 6.20 -23.68
N6 AMP F . -19.36 4.85 -23.55
N1 AMP F . -19.55 6.98 -22.62
C2 AMP F . -19.57 8.30 -22.69
N3 AMP F . -19.39 8.93 -23.87
C4 AMP F . -19.18 8.15 -24.96
P1 AHG G . 8.17 3.95 -11.17
O1P AHG G . 8.91 2.94 -10.29
O2P AHG G . 9.00 4.41 -12.36
O3P AHG G . 6.90 3.30 -11.65
O1 AHG G . 7.88 5.20 -10.31
C1 AHG G . 6.66 5.33 -9.72
C2 AHG G . 6.61 6.77 -9.32
C3 AHG G . 5.27 7.16 -8.69
O3 AHG G . 4.58 5.88 -8.61
C4 AHG G . 5.73 7.65 -7.29
O4 AHG G . 5.19 8.91 -6.83
C5 AHG G . 7.20 8.02 -7.54
O5 AHG G . 7.63 7.00 -8.38
C6 AHG G . 8.03 8.08 -6.26
O6 AHG G . 9.41 8.36 -6.52
P2 AHG G . 10.39 8.80 -5.30
O4P AHG G . 11.05 7.65 -4.69
O5P AHG G . 11.46 9.61 -5.87
O6P AHG G . 9.58 9.52 -4.26
TL TL H . -3.68 -2.03 15.07
TL TL I . -7.24 -3.41 14.47
TL TL J . -2.51 0.27 17.35
P AMP K . 3.75 -29.43 20.75
O1P AMP K . 2.92 -28.66 21.68
O2P AMP K . 3.11 -29.51 19.36
O3P AMP K . 3.82 -30.77 21.35
O5' AMP K . 5.13 -28.83 20.52
C5' AMP K . 5.94 -28.53 21.68
C4' AMP K . 7.14 -27.73 21.19
O4' AMP K . 7.74 -28.33 20.04
C3' AMP K . 6.70 -26.35 20.64
O3' AMP K . 6.30 -25.50 21.53
C2' AMP K . 7.93 -25.93 19.83
O2' AMP K . 8.98 -25.91 20.64
C1' AMP K . 7.87 -27.28 19.06
N9 AMP K . 7.00 -27.45 17.84
C8 AMP K . 5.77 -28.04 17.78
N7 AMP K . 5.31 -27.95 16.50
C5 AMP K . 6.24 -27.30 15.73
C6 AMP K . 6.37 -26.93 14.41
N6 AMP K . 5.40 -27.20 13.49
N1 AMP K . 7.48 -26.29 14.03
C2 AMP K . 8.49 -26.01 14.85
N3 AMP K . 8.43 -26.34 16.14
C4 AMP K . 7.31 -26.99 16.56
P1 AHG L . -4.97 1.31 13.60
O1P AHG L . -5.14 -0.14 13.17
O2P AHG L . -5.76 2.20 12.63
O3P AHG L . -5.46 1.48 15.05
O1 AHG L . -3.46 1.77 13.55
C1 AHG L . -2.56 1.25 12.60
C2 AHG L . -1.18 1.66 13.13
C3 AHG L . 0.04 1.07 12.40
O3 AHG L . -0.62 0.27 11.39
C4 AHG L . 0.75 2.38 11.95
O4 AHG L . 2.15 2.40 11.68
C5 AHG L . 0.20 3.53 12.83
O5 AHG L . -1.10 3.07 13.05
C6 AHG L . 0.20 4.88 12.09
O6 AHG L . -0.56 5.89 12.78
P2 AHG L . -0.18 7.44 12.64
O4P AHG L . -1.11 8.06 11.66
O5P AHG L . -0.41 8.11 13.96
O6P AHG L . 1.20 7.61 12.13
#